data_2WMJ
#
_entry.id   2WMJ
#
_cell.length_a   98.070
_cell.length_b   154.180
_cell.length_c   91.150
_cell.angle_alpha   90.00
_cell.angle_beta   90.00
_cell.angle_gamma   90.00
#
_symmetry.space_group_name_H-M   'P 21 21 2'
#
loop_
_entity.id
_entity.type
_entity.pdbx_description
1 polymer 'FUCOLECTIN-RELATED PROTEIN'
2 branched alpha-L-fucopyranose-(1-2)-[alpha-D-galactopyranose-(1-3)]beta-D-galactopyranose
3 water water
#
_entity_poly.entity_id   1
_entity_poly.type   'polypeptide(L)'
_entity_poly.pdbx_seq_one_letter_code
;MGSSHHHHHHSSGLVPRGSHMASEVDKRREINNEHPLLMMPLYANGEEFNQGKYTFWGGDTLTGKWENIPDDLKPYTVIQ
LHPDDLPKRDGAARDFYEHMLEEAAKYVNPKTGKNEPIPVILTVYTAGNMPYYTSAHWLSTSWIDKMYQKYPNLHGIFST
ENYWIWANDIENKAADYLKVSAKNGGYFIWAEQNNGSAIEKAFGKNGKIAFQKSVDKYWKNLIFMFKNTPAAEGNDSTTE
SYMKGLWLSNHTYQWGGLMDTWKWYETGKWKLFASGNIGKSQGDRQWLTEPESMLGEEALGVYLNGGVVYNFEHPAYTYG
VNNKESLLFSEVIKEFFRYVIAHPAPSKEKVLEDTKVFIHGDYSNKGNGKFFVNVNTDREQTPLYMTGRYNVIPAIPGVL
KTDKLKESVSSSRIQIKEITSPEFSSTQARKEYLNKLYPMNYEGDIFAQKLDNRWFVYNYKVNENVKQTGKLKFNSLEMN
VEFEPHTYGIFERISNGLKVNLNNFRTNKDSLWSNAQDANQAKKLPQLTKKGAIKWIEEHYIKDTQFGEKRVTKIVLRGI
DKLPTIHSLSGTNNSYDQPSLNFDQKNHMVTITINSNGNLEFELHF
;
_entity_poly.pdbx_strand_id   A,B
#
loop_
_chem_comp.id
_chem_comp.type
_chem_comp.name
_chem_comp.formula
FUC L-saccharide, alpha linking alpha-L-fucopyranose 'C6 H12 O5'
GAL D-saccharide, beta linking beta-D-galactopyranose 'C6 H12 O6'
GLA D-saccharide, alpha linking alpha-D-galactopyranose 'C6 H12 O6'
#
# COMPACT_ATOMS: atom_id res chain seq x y z
N VAL A 25 -3.26 -8.03 -7.08
CA VAL A 25 -1.87 -7.50 -7.33
C VAL A 25 -0.78 -8.60 -7.39
N ASP A 26 -0.93 -9.68 -6.62
CA ASP A 26 0.02 -10.82 -6.75
C ASP A 26 -0.10 -11.55 -8.11
N LYS A 27 1.03 -11.63 -8.83
CA LYS A 27 1.14 -12.28 -10.14
C LYS A 27 0.79 -13.74 -10.03
N ARG A 28 0.02 -14.23 -11.01
CA ARG A 28 -0.39 -15.64 -11.01
C ARG A 28 0.72 -16.55 -11.46
N ARG A 29 1.69 -15.99 -12.17
CA ARG A 29 2.87 -16.71 -12.61
C ARG A 29 3.98 -15.71 -12.83
N GLU A 30 5.21 -16.23 -12.88
CA GLU A 30 6.36 -15.41 -13.24
C GLU A 30 6.66 -15.61 -14.72
N ILE A 31 7.00 -14.52 -15.41
CA ILE A 31 7.50 -14.58 -16.78
C ILE A 31 8.73 -13.70 -16.83
N ASN A 32 9.90 -14.34 -16.97
CA ASN A 32 11.17 -13.61 -17.09
C ASN A 32 12.27 -14.56 -17.64
N ASN A 33 13.52 -14.11 -17.69
CA ASN A 33 14.58 -14.92 -18.28
C ASN A 33 14.76 -16.28 -17.61
N GLU A 34 14.54 -16.32 -16.30
CA GLU A 34 14.64 -17.54 -15.51
C GLU A 34 13.39 -18.41 -15.61
N HIS A 35 12.26 -17.76 -15.92
CA HIS A 35 10.97 -18.41 -16.05
C HIS A 35 10.35 -18.05 -17.40
N PRO A 36 10.93 -18.56 -18.53
CA PRO A 36 10.43 -18.21 -19.85
C PRO A 36 9.03 -18.83 -20.07
N LEU A 37 8.39 -18.49 -21.19
CA LEU A 37 7.04 -18.99 -21.44
C LEU A 37 6.92 -19.50 -22.87
N LEU A 38 6.49 -20.76 -22.99
CA LEU A 38 6.10 -21.35 -24.27
C LEU A 38 4.57 -21.48 -24.33
N MET A 39 3.95 -20.69 -25.21
CA MET A 39 2.49 -20.79 -25.41
C MET A 39 2.17 -22.03 -26.25
N MET A 40 1.15 -22.79 -25.84
CA MET A 40 0.77 -24.03 -26.52
C MET A 40 -0.65 -23.89 -27.06
N PRO A 41 -0.79 -23.51 -28.34
CA PRO A 41 -2.12 -23.19 -28.94
C PRO A 41 -3.03 -24.40 -29.20
N LEU A 42 -4.32 -24.23 -28.99
CA LEU A 42 -5.36 -25.20 -29.23
C LEU A 42 -6.52 -24.42 -29.86
N TYR A 43 -6.81 -24.73 -31.13
CA TYR A 43 -7.79 -24.00 -31.98
C TYR A 43 -9.12 -24.74 -32.02
N ALA A 44 -10.20 -24.06 -31.61
CA ALA A 44 -11.56 -24.62 -31.54
C ALA A 44 -12.10 -25.03 -32.90
N ASN A 45 -12.71 -26.21 -32.97
CA ASN A 45 -13.38 -26.65 -34.20
C ASN A 45 -14.86 -26.24 -34.20
N GLY A 46 -15.18 -25.22 -34.99
CA GLY A 46 -16.51 -24.61 -35.01
C GLY A 46 -17.63 -25.48 -35.55
N GLU A 47 -17.34 -26.23 -36.61
CA GLU A 47 -18.26 -27.23 -37.18
C GLU A 47 -18.73 -28.24 -36.11
N GLU A 48 -17.77 -28.77 -35.36
CA GLU A 48 -18.07 -29.76 -34.32
C GLU A 48 -18.81 -29.13 -33.12
N PHE A 49 -18.44 -27.91 -32.79
CA PHE A 49 -19.19 -27.11 -31.82
C PHE A 49 -20.68 -27.00 -32.17
N ASN A 50 -20.99 -26.69 -33.43
CA ASN A 50 -22.40 -26.64 -33.85
C ASN A 50 -23.18 -27.93 -33.62
N GLN A 51 -22.46 -29.05 -33.65
CA GLN A 51 -23.02 -30.37 -33.37
C GLN A 51 -22.96 -30.77 -31.90
N GLY A 52 -22.56 -29.84 -31.05
CA GLY A 52 -22.57 -30.03 -29.60
C GLY A 52 -21.35 -30.74 -29.06
N LYS A 53 -20.28 -30.76 -29.87
CA LYS A 53 -19.04 -31.42 -29.48
C LYS A 53 -17.95 -30.37 -29.29
N TYR A 54 -17.09 -30.58 -28.30
CA TYR A 54 -16.05 -29.62 -27.91
C TYR A 54 -14.68 -30.21 -28.27
N THR A 55 -14.16 -29.79 -29.44
CA THR A 55 -12.98 -30.40 -30.02
C THR A 55 -12.08 -29.32 -30.61
N PHE A 56 -10.84 -29.70 -30.88
CA PHE A 56 -9.83 -28.81 -31.44
C PHE A 56 -9.42 -29.34 -32.83
N TRP A 57 -9.09 -28.43 -33.73
CA TRP A 57 -8.56 -28.79 -35.03
C TRP A 57 -7.24 -29.52 -34.84
N GLY A 58 -7.09 -30.67 -35.50
CA GLY A 58 -5.87 -31.47 -35.34
C GLY A 58 -5.97 -32.61 -34.35
N GLY A 59 -7.10 -32.68 -33.65
CA GLY A 59 -7.42 -33.78 -32.74
C GLY A 59 -6.72 -33.79 -31.39
N ASP A 60 -5.96 -32.74 -31.04
CA ASP A 60 -5.45 -32.60 -29.67
C ASP A 60 -6.64 -32.47 -28.74
N THR A 61 -6.47 -32.94 -27.50
CA THR A 61 -7.46 -32.62 -26.47
C THR A 61 -6.75 -31.80 -25.43
N LEU A 62 -7.49 -31.06 -24.60
CA LEU A 62 -6.86 -30.23 -23.57
C LEU A 62 -6.02 -31.06 -22.58
N THR A 63 -6.65 -32.13 -22.07
CA THR A 63 -6.04 -33.00 -21.04
C THR A 63 -4.87 -33.82 -21.60
N GLY A 64 -5.07 -34.44 -22.75
CA GLY A 64 -4.03 -35.24 -23.41
C GLY A 64 -2.83 -34.43 -23.86
N LYS A 65 -3.07 -33.22 -24.37
CA LYS A 65 -1.99 -32.30 -24.79
C LYS A 65 -1.09 -31.92 -23.60
N TRP A 66 -1.74 -31.46 -22.54
CA TRP A 66 -1.06 -31.16 -21.29
C TRP A 66 -0.26 -32.35 -20.77
N GLU A 67 -0.88 -33.53 -20.74
CA GLU A 67 -0.22 -34.71 -20.22
C GLU A 67 1.02 -35.03 -21.01
N ASN A 68 0.97 -34.79 -22.32
CA ASN A 68 2.07 -35.19 -23.16
C ASN A 68 3.23 -34.20 -23.23
N ILE A 69 3.06 -33.03 -22.61
CA ILE A 69 4.17 -32.07 -22.44
C ILE A 69 5.21 -32.65 -21.45
N PRO A 70 6.51 -32.71 -21.83
CA PRO A 70 7.50 -33.21 -20.88
C PRO A 70 7.33 -32.54 -19.52
N ASP A 71 7.45 -33.31 -18.44
CA ASP A 71 7.27 -32.76 -17.11
C ASP A 71 8.24 -31.61 -16.80
N ASP A 72 9.44 -31.64 -17.37
CA ASP A 72 10.43 -30.59 -17.09
C ASP A 72 10.01 -29.28 -17.74
N LEU A 73 9.18 -29.37 -18.78
CA LEU A 73 8.67 -28.21 -19.50
C LEU A 73 7.35 -27.66 -18.94
N LYS A 74 6.58 -28.50 -18.23
CA LYS A 74 5.29 -28.06 -17.68
C LYS A 74 5.31 -26.75 -16.85
N PRO A 75 6.36 -26.50 -16.04
CA PRO A 75 6.31 -25.24 -15.30
C PRO A 75 6.53 -23.97 -16.16
N TYR A 76 6.88 -24.15 -17.44
CA TYR A 76 7.13 -23.02 -18.33
C TYR A 76 6.20 -22.98 -19.58
N THR A 77 5.14 -23.80 -19.57
CA THR A 77 4.24 -23.92 -20.71
C THR A 77 2.80 -23.63 -20.28
N VAL A 78 2.05 -22.87 -21.09
CA VAL A 78 0.65 -22.58 -20.76
C VAL A 78 -0.22 -22.87 -22.00
N ILE A 79 -1.33 -23.56 -21.80
CA ILE A 79 -2.28 -23.83 -22.89
C ILE A 79 -2.95 -22.54 -23.35
N GLN A 80 -2.82 -22.22 -24.64
CA GLN A 80 -3.48 -21.04 -25.20
C GLN A 80 -4.68 -21.46 -26.05
N LEU A 81 -5.89 -21.18 -25.56
CA LEU A 81 -7.09 -21.46 -26.31
C LEU A 81 -7.38 -20.35 -27.30
N HIS A 82 -7.78 -20.74 -28.51
CA HIS A 82 -8.05 -19.83 -29.65
C HIS A 82 -9.40 -20.28 -30.22
N PRO A 83 -10.31 -19.33 -30.50
CA PRO A 83 -11.66 -19.71 -30.91
C PRO A 83 -11.78 -20.03 -32.40
N ASP A 84 -10.70 -19.79 -33.15
CA ASP A 84 -10.63 -20.15 -34.59
C ASP A 84 -12.00 -19.94 -35.30
N ASP A 85 -12.64 -21.00 -35.75
CA ASP A 85 -13.87 -20.85 -36.53
C ASP A 85 -15.17 -21.24 -35.80
N LEU A 86 -15.18 -21.09 -34.47
CA LEU A 86 -16.44 -21.09 -33.74
C LEU A 86 -17.43 -20.14 -34.43
N PRO A 87 -18.72 -20.54 -34.42
CA PRO A 87 -19.78 -19.66 -34.98
C PRO A 87 -19.65 -18.18 -34.57
N LYS A 88 -19.78 -17.27 -35.53
CA LYS A 88 -19.67 -15.84 -35.23
C LYS A 88 -21.02 -15.27 -34.71
N ARG A 89 -21.33 -15.61 -33.46
CA ARG A 89 -22.56 -15.13 -32.82
C ARG A 89 -22.33 -15.15 -31.29
N ASP A 90 -23.22 -14.47 -30.57
CA ASP A 90 -23.12 -14.37 -29.12
C ASP A 90 -23.18 -15.74 -28.48
N GLY A 91 -22.30 -15.95 -27.49
CA GLY A 91 -22.38 -17.14 -26.67
C GLY A 91 -21.53 -18.32 -27.09
N ALA A 92 -21.18 -18.41 -28.38
CA ALA A 92 -20.38 -19.55 -28.87
C ALA A 92 -19.01 -19.59 -28.19
N ALA A 93 -18.27 -18.49 -28.22
CA ALA A 93 -16.96 -18.45 -27.55
C ALA A 93 -17.04 -18.58 -26.01
N ARG A 94 -18.00 -17.91 -25.40
CA ARG A 94 -18.19 -18.08 -23.94
C ARG A 94 -18.43 -19.55 -23.59
N ASP A 95 -19.30 -20.22 -24.36
CA ASP A 95 -19.66 -21.61 -24.08
C ASP A 95 -18.45 -22.57 -24.22
N PHE A 96 -17.74 -22.47 -25.35
CA PHE A 96 -16.57 -23.27 -25.60
C PHE A 96 -15.51 -23.03 -24.53
N TYR A 97 -15.19 -21.76 -24.26
CA TYR A 97 -14.16 -21.40 -23.27
C TYR A 97 -14.50 -21.85 -21.84
N GLU A 98 -15.74 -21.66 -21.42
CA GLU A 98 -16.16 -22.17 -20.09
C GLU A 98 -16.04 -23.71 -19.92
N HIS A 99 -16.44 -24.45 -20.95
CA HIS A 99 -16.25 -25.91 -21.01
C HIS A 99 -14.79 -26.31 -20.81
N MET A 100 -13.91 -25.63 -21.54
CA MET A 100 -12.48 -25.93 -21.48
C MET A 100 -11.83 -25.46 -20.19
N LEU A 101 -12.26 -24.32 -19.65
CA LEU A 101 -11.73 -23.84 -18.36
C LEU A 101 -12.10 -24.82 -17.24
N GLU A 102 -13.29 -25.42 -17.35
CA GLU A 102 -13.71 -26.45 -16.39
C GLU A 102 -12.86 -27.71 -16.47
N GLU A 103 -12.59 -28.17 -17.70
CA GLU A 103 -11.72 -29.34 -17.93
C GLU A 103 -10.33 -29.07 -17.31
N ALA A 104 -9.80 -27.88 -17.58
CA ALA A 104 -8.48 -27.49 -17.10
C ALA A 104 -8.45 -27.46 -15.57
N ALA A 105 -9.48 -26.87 -14.98
CA ALA A 105 -9.55 -26.67 -13.53
C ALA A 105 -9.64 -27.99 -12.78
N LYS A 106 -10.40 -28.94 -13.31
CA LYS A 106 -10.50 -30.19 -12.58
C LYS A 106 -9.57 -31.29 -13.02
N TYR A 107 -8.51 -30.96 -13.76
CA TYR A 107 -7.53 -31.97 -14.14
C TYR A 107 -6.89 -32.68 -12.92
N VAL A 108 -6.83 -34.00 -12.97
CA VAL A 108 -6.18 -34.85 -11.95
C VAL A 108 -4.93 -35.52 -12.54
N ASN A 109 -3.77 -35.24 -11.92
CA ASN A 109 -2.49 -35.92 -12.24
C ASN A 109 -2.54 -37.38 -11.77
N PRO A 110 -2.43 -38.35 -12.69
CA PRO A 110 -2.49 -39.77 -12.31
C PRO A 110 -1.33 -40.68 -12.83
N LYS A 111 -0.05 -40.57 -12.48
CA LYS A 111 0.58 -40.50 -11.14
C LYS A 111 -0.05 -40.07 -9.81
N THR A 112 0.03 -38.80 -9.47
CA THR A 112 -0.12 -38.41 -8.06
C THR A 112 -1.53 -38.38 -7.46
N GLY A 113 -2.56 -38.62 -8.28
CA GLY A 113 -3.97 -38.46 -7.87
C GLY A 113 -4.43 -37.07 -7.45
N LYS A 114 -3.53 -36.09 -7.48
CA LYS A 114 -3.83 -34.73 -7.03
C LYS A 114 -4.48 -33.90 -8.13
N ASN A 115 -5.52 -33.15 -7.78
CA ASN A 115 -6.05 -32.08 -8.63
C ASN A 115 -4.96 -31.03 -8.87
N GLU A 116 -4.50 -30.96 -10.12
CA GLU A 116 -3.48 -30.01 -10.55
C GLU A 116 -4.01 -29.24 -11.77
N PRO A 117 -4.73 -28.13 -11.50
CA PRO A 117 -5.39 -27.34 -12.54
C PRO A 117 -4.39 -26.93 -13.62
N ILE A 118 -4.79 -27.12 -14.88
CA ILE A 118 -3.96 -26.78 -16.04
C ILE A 118 -3.94 -25.27 -16.25
N PRO A 119 -2.73 -24.67 -16.38
CA PRO A 119 -2.67 -23.24 -16.65
C PRO A 119 -3.15 -22.89 -18.09
N VAL A 120 -3.97 -21.84 -18.21
CA VAL A 120 -4.63 -21.46 -19.47
C VAL A 120 -4.43 -19.98 -19.80
N ILE A 121 -4.27 -19.68 -21.10
CA ILE A 121 -4.42 -18.32 -21.66
C ILE A 121 -5.60 -18.39 -22.66
N LEU A 122 -6.48 -17.37 -22.65
CA LEU A 122 -7.61 -17.29 -23.59
C LEU A 122 -7.30 -16.25 -24.64
N THR A 123 -7.54 -16.61 -25.90
CA THR A 123 -7.50 -15.62 -26.99
C THR A 123 -8.81 -14.82 -26.95
N VAL A 124 -8.70 -13.52 -26.66
CA VAL A 124 -9.89 -12.66 -26.44
C VAL A 124 -10.14 -11.57 -27.50
N TYR A 125 -9.14 -11.31 -28.33
CA TYR A 125 -9.17 -10.25 -29.32
C TYR A 125 -8.32 -10.63 -30.55
N THR A 126 -8.95 -10.62 -31.72
CA THR A 126 -8.24 -10.97 -32.97
C THR A 126 -8.99 -10.41 -34.19
N ALA A 127 -8.25 -10.09 -35.27
CA ALA A 127 -8.89 -9.52 -36.48
C ALA A 127 -9.80 -8.33 -36.12
N GLY A 128 -9.34 -7.48 -35.20
CA GLY A 128 -10.16 -6.28 -34.80
C GLY A 128 -11.45 -6.59 -34.05
N ASN A 129 -11.66 -7.89 -33.67
CA ASN A 129 -12.90 -8.43 -33.12
C ASN A 129 -14.12 -8.05 -33.94
N MET A 130 -13.97 -7.89 -35.25
CA MET A 130 -15.10 -7.64 -36.13
C MET A 130 -16.06 -8.84 -36.13
N PRO A 131 -17.38 -8.58 -36.04
CA PRO A 131 -18.33 -9.71 -35.95
C PRO A 131 -18.40 -10.58 -37.24
N TYR A 132 -17.85 -10.09 -38.33
CA TYR A 132 -17.72 -10.91 -39.53
C TYR A 132 -16.39 -11.69 -39.61
N TYR A 133 -15.53 -11.49 -38.62
CA TYR A 133 -14.26 -12.23 -38.55
C TYR A 133 -14.10 -13.22 -37.38
N THR A 134 -14.69 -12.96 -36.22
CA THR A 134 -14.42 -13.82 -35.06
C THR A 134 -15.51 -13.81 -34.01
N SER A 135 -15.76 -15.00 -33.48
CA SER A 135 -16.58 -15.23 -32.30
C SER A 135 -16.05 -14.53 -31.03
N ALA A 136 -14.77 -14.11 -31.06
CA ALA A 136 -14.19 -13.45 -29.89
C ALA A 136 -14.83 -12.08 -29.68
N HIS A 137 -15.49 -11.55 -30.73
CA HIS A 137 -16.29 -10.32 -30.62
C HIS A 137 -17.22 -10.34 -29.38
N TRP A 138 -17.82 -11.49 -29.09
CA TRP A 138 -18.83 -11.60 -28.03
C TRP A 138 -18.22 -12.12 -26.71
N LEU A 139 -17.00 -11.68 -26.41
CA LEU A 139 -16.38 -11.91 -25.10
C LEU A 139 -16.22 -10.57 -24.41
N SER A 140 -17.12 -10.27 -23.47
CA SER A 140 -17.10 -8.97 -22.79
C SER A 140 -15.97 -8.90 -21.74
N THR A 141 -15.54 -7.68 -21.40
CA THR A 141 -14.55 -7.48 -20.31
C THR A 141 -15.15 -7.95 -18.96
N SER A 142 -16.43 -7.68 -18.78
CA SER A 142 -17.19 -8.20 -17.63
C SER A 142 -17.02 -9.73 -17.50
N TRP A 143 -17.21 -10.44 -18.62
CA TRP A 143 -17.06 -11.89 -18.66
C TRP A 143 -15.61 -12.33 -18.34
N ILE A 144 -14.63 -11.66 -18.93
CA ILE A 144 -13.23 -11.92 -18.62
C ILE A 144 -12.91 -11.75 -17.12
N ASP A 145 -13.42 -10.67 -16.51
CA ASP A 145 -13.22 -10.43 -15.08
C ASP A 145 -13.79 -11.60 -14.27
N LYS A 146 -14.99 -12.06 -14.64
CA LYS A 146 -15.67 -13.16 -13.98
C LYS A 146 -14.87 -14.47 -14.10
N MET A 147 -14.32 -14.72 -15.29
CA MET A 147 -13.47 -15.91 -15.49
C MET A 147 -12.18 -15.89 -14.65
N TYR A 148 -11.50 -14.75 -14.63
CA TYR A 148 -10.30 -14.55 -13.78
C TYR A 148 -10.64 -14.85 -12.30
N GLN A 149 -11.75 -14.31 -11.83
CA GLN A 149 -12.19 -14.54 -10.44
C GLN A 149 -12.57 -16.01 -10.15
N LYS A 150 -13.12 -16.70 -11.13
CA LYS A 150 -13.54 -18.10 -10.97
C LYS A 150 -12.36 -19.12 -11.10
N TYR A 151 -11.36 -18.78 -11.92
CA TYR A 151 -10.31 -19.75 -12.31
C TYR A 151 -8.91 -19.23 -12.02
N PRO A 152 -8.32 -19.63 -10.87
CA PRO A 152 -6.94 -19.22 -10.56
C PRO A 152 -5.94 -19.68 -11.64
N ASN A 153 -6.30 -20.76 -12.36
CA ASN A 153 -5.45 -21.30 -13.42
C ASN A 153 -5.51 -20.47 -14.72
N LEU A 154 -6.43 -19.50 -14.79
CA LEU A 154 -6.42 -18.50 -15.87
C LEU A 154 -5.32 -17.47 -15.63
N HIS A 155 -4.23 -17.59 -16.37
CA HIS A 155 -3.05 -16.78 -16.11
C HIS A 155 -2.92 -15.55 -16.99
N GLY A 156 -3.68 -15.45 -18.09
CA GLY A 156 -3.57 -14.31 -18.97
C GLY A 156 -4.60 -14.34 -20.10
N ILE A 157 -4.66 -13.25 -20.85
CA ILE A 157 -5.54 -13.16 -22.02
C ILE A 157 -4.69 -12.63 -23.17
N PHE A 158 -5.10 -12.92 -24.40
CA PHE A 158 -4.23 -12.83 -25.59
C PHE A 158 -4.94 -12.11 -26.73
N SER A 159 -4.31 -11.05 -27.25
CA SER A 159 -4.71 -10.37 -28.46
C SER A 159 -3.68 -10.69 -29.55
N THR A 160 -4.16 -10.98 -30.77
CA THR A 160 -3.26 -11.41 -31.82
C THR A 160 -3.75 -11.00 -33.24
N GLU A 161 -2.83 -10.42 -34.02
CA GLU A 161 -3.04 -10.10 -35.44
C GLU A 161 -4.22 -9.16 -35.72
N ASN A 162 -4.00 -7.88 -35.49
CA ASN A 162 -5.00 -6.85 -35.81
C ASN A 162 -4.51 -5.76 -36.78
N TYR A 163 -3.23 -5.81 -37.14
CA TYR A 163 -2.60 -4.77 -38.01
C TYR A 163 -3.36 -4.47 -39.32
N TRP A 164 -3.95 -5.48 -39.94
CA TRP A 164 -4.69 -5.33 -41.21
C TRP A 164 -6.15 -4.90 -41.06
N ILE A 165 -6.62 -4.80 -39.81
CA ILE A 165 -8.01 -4.38 -39.52
C ILE A 165 -7.99 -3.62 -38.18
N TRP A 166 -7.40 -2.43 -38.23
CA TRP A 166 -7.09 -1.70 -37.02
C TRP A 166 -8.33 -0.98 -36.56
N ALA A 167 -9.14 -1.67 -35.75
CA ALA A 167 -10.48 -1.17 -35.35
C ALA A 167 -10.47 0.15 -34.58
N ASN A 168 -11.60 0.86 -34.64
CA ASN A 168 -11.72 2.23 -34.08
C ASN A 168 -11.45 2.35 -32.58
N ASP A 169 -11.78 1.32 -31.82
CA ASP A 169 -11.55 1.32 -30.36
C ASP A 169 -10.51 0.26 -29.91
N ILE A 170 -9.64 -0.14 -30.82
CA ILE A 170 -8.61 -1.14 -30.46
C ILE A 170 -7.74 -0.71 -29.26
N GLU A 171 -7.29 0.54 -29.22
CA GLU A 171 -6.46 1.03 -28.10
C GLU A 171 -7.26 1.08 -26.79
N ASN A 172 -8.52 1.56 -26.85
CA ASN A 172 -9.41 1.55 -25.68
C ASN A 172 -9.63 0.14 -25.15
N LYS A 173 -9.85 -0.82 -26.04
CA LYS A 173 -10.07 -2.23 -25.62
C LYS A 173 -8.80 -2.82 -25.00
N ALA A 174 -7.65 -2.52 -25.60
CA ALA A 174 -6.35 -3.02 -25.09
C ALA A 174 -6.12 -2.51 -23.66
N ALA A 175 -6.40 -1.22 -23.41
CA ALA A 175 -6.35 -0.69 -22.04
C ALA A 175 -7.25 -1.47 -21.10
N ASP A 176 -8.45 -1.81 -21.55
CA ASP A 176 -9.39 -2.57 -20.70
C ASP A 176 -8.88 -3.98 -20.41
N TYR A 177 -8.33 -4.64 -21.42
CA TYR A 177 -7.72 -5.94 -21.21
C TYR A 177 -6.52 -5.88 -20.26
N LEU A 178 -5.68 -4.84 -20.39
CA LEU A 178 -4.53 -4.71 -19.48
C LEU A 178 -5.00 -4.42 -18.06
N LYS A 179 -5.97 -3.53 -17.92
CA LYS A 179 -6.47 -3.16 -16.59
C LYS A 179 -7.07 -4.39 -15.91
N VAL A 180 -7.93 -5.13 -16.62
CA VAL A 180 -8.65 -6.27 -16.01
C VAL A 180 -7.66 -7.42 -15.63
N SER A 181 -6.57 -7.54 -16.39
CA SER A 181 -5.51 -8.54 -16.08
C SER A 181 -4.72 -8.11 -14.83
N ALA A 182 -4.34 -6.83 -14.77
CA ALA A 182 -3.59 -6.31 -13.63
C ALA A 182 -4.42 -6.43 -12.33
N LYS A 183 -5.70 -6.13 -12.45
CA LYS A 183 -6.66 -6.22 -11.33
C LYS A 183 -6.71 -7.63 -10.77
N ASN A 184 -6.48 -8.62 -11.63
CA ASN A 184 -6.54 -10.01 -11.21
C ASN A 184 -5.17 -10.69 -11.05
N GLY A 185 -4.10 -9.93 -11.26
CA GLY A 185 -2.74 -10.50 -11.27
C GLY A 185 -2.40 -11.39 -12.48
N GLY A 186 -3.16 -11.28 -13.58
CA GLY A 186 -2.86 -12.09 -14.79
C GLY A 186 -2.12 -11.22 -15.78
N TYR A 187 -1.80 -11.77 -16.94
CA TYR A 187 -1.09 -10.98 -17.98
C TYR A 187 -1.95 -10.69 -19.19
N PHE A 188 -1.83 -9.48 -19.74
CA PHE A 188 -2.34 -9.19 -21.08
C PHE A 188 -1.17 -9.36 -22.08
N ILE A 189 -1.33 -10.34 -22.97
CA ILE A 189 -0.34 -10.63 -24.01
C ILE A 189 -0.90 -10.14 -25.34
N TRP A 190 -0.08 -9.34 -26.03
CA TRP A 190 -0.45 -8.80 -27.34
C TRP A 190 0.63 -9.19 -28.38
N ALA A 191 0.25 -10.00 -29.37
CA ALA A 191 1.10 -10.31 -30.54
C ALA A 191 0.70 -9.48 -31.77
N GLU A 192 1.63 -8.63 -32.24
CA GLU A 192 1.30 -7.65 -33.28
C GLU A 192 2.54 -7.32 -34.12
N GLN A 193 2.32 -7.03 -35.40
CA GLN A 193 3.36 -6.60 -36.32
C GLN A 193 3.13 -5.15 -36.71
N ASN A 194 4.23 -4.41 -36.93
CA ASN A 194 4.15 -3.01 -37.29
C ASN A 194 3.67 -2.69 -38.73
N ASN A 195 2.82 -3.53 -39.33
CA ASN A 195 2.21 -3.16 -40.63
C ASN A 195 1.29 -1.95 -40.40
N GLY A 196 1.31 -0.99 -41.33
CA GLY A 196 0.45 0.20 -41.21
C GLY A 196 0.64 0.97 -39.91
N SER A 197 1.86 0.97 -39.37
CA SER A 197 2.20 1.71 -38.12
C SER A 197 1.55 1.17 -36.83
N ALA A 198 1.17 -0.10 -36.80
CA ALA A 198 0.34 -0.67 -35.71
C ALA A 198 0.90 -0.44 -34.32
N ILE A 199 2.21 -0.69 -34.16
CA ILE A 199 2.83 -0.57 -32.86
C ILE A 199 2.90 0.88 -32.41
N GLU A 200 3.18 1.77 -33.34
CA GLU A 200 3.20 3.21 -33.10
C GLU A 200 1.81 3.75 -32.71
N LYS A 201 0.79 3.38 -33.49
CA LYS A 201 -0.59 3.74 -33.14
C LYS A 201 -1.03 3.23 -31.76
N ALA A 202 -0.67 1.98 -31.43
CA ALA A 202 -1.01 1.36 -30.13
C ALA A 202 -0.63 2.24 -28.95
N PHE A 203 0.47 3.00 -29.11
CA PHE A 203 0.98 3.85 -28.04
C PHE A 203 0.57 5.31 -28.17
N GLY A 204 -0.17 5.61 -29.22
CA GLY A 204 -0.80 6.92 -29.28
C GLY A 204 -0.46 7.83 -30.43
N LYS A 205 0.34 7.34 -31.40
CA LYS A 205 0.76 8.13 -32.56
C LYS A 205 -0.35 9.00 -33.19
N ASN A 206 -1.50 8.39 -33.45
CA ASN A 206 -2.60 9.04 -34.15
C ASN A 206 -3.63 9.65 -33.20
N GLY A 207 -3.24 9.81 -31.94
CA GLY A 207 -4.07 10.47 -30.95
C GLY A 207 -4.87 9.57 -30.04
N LYS A 208 -4.85 8.25 -30.27
CA LYS A 208 -5.51 7.30 -29.34
C LYS A 208 -4.58 6.83 -28.23
N ILE A 209 -4.72 7.46 -27.07
CA ILE A 209 -3.73 7.36 -26.00
C ILE A 209 -4.18 6.52 -24.79
N ALA A 210 -5.32 5.83 -24.90
CA ALA A 210 -5.82 5.05 -23.77
C ALA A 210 -4.83 3.96 -23.30
N PHE A 211 -4.22 3.28 -24.26
CA PHE A 211 -3.31 2.19 -23.98
C PHE A 211 -1.97 2.73 -23.49
N GLN A 212 -1.50 3.82 -24.07
CA GLN A 212 -0.31 4.48 -23.53
C GLN A 212 -0.46 4.76 -22.02
N LYS A 213 -1.63 5.28 -21.63
CA LYS A 213 -1.89 5.67 -20.24
C LYS A 213 -2.08 4.44 -19.37
N SER A 214 -2.63 3.37 -19.97
CA SER A 214 -2.83 2.12 -19.24
C SER A 214 -1.48 1.50 -18.87
N VAL A 215 -0.60 1.49 -19.87
CA VAL A 215 0.74 0.96 -19.72
C VAL A 215 1.52 1.73 -18.62
N ASP A 216 1.39 3.05 -18.58
CA ASP A 216 2.02 3.90 -17.55
C ASP A 216 1.81 3.35 -16.14
N LYS A 217 0.63 2.78 -15.94
CA LYS A 217 0.18 2.29 -14.66
C LYS A 217 0.40 0.77 -14.52
N TYR A 218 0.22 0.03 -15.61
CA TYR A 218 0.12 -1.44 -15.55
C TYR A 218 1.12 -2.26 -16.38
N TRP A 219 2.22 -1.65 -16.79
CA TRP A 219 3.23 -2.31 -17.64
C TRP A 219 3.76 -3.65 -17.13
N LYS A 220 3.79 -3.83 -15.80
CA LYS A 220 4.27 -5.08 -15.21
C LYS A 220 3.36 -6.28 -15.50
N ASN A 221 2.16 -6.03 -16.01
CA ASN A 221 1.21 -7.10 -16.40
C ASN A 221 1.06 -7.21 -17.92
N LEU A 222 1.96 -6.56 -18.65
CA LEU A 222 1.93 -6.60 -20.11
C LEU A 222 3.06 -7.45 -20.68
N ILE A 223 2.71 -8.29 -21.66
CA ILE A 223 3.69 -8.95 -22.53
C ILE A 223 3.40 -8.51 -23.97
N PHE A 224 4.43 -8.04 -24.67
CA PHE A 224 4.29 -7.60 -26.06
C PHE A 224 5.20 -8.45 -26.95
N MET A 225 4.61 -9.04 -27.98
CA MET A 225 5.32 -9.95 -28.88
C MET A 225 5.16 -9.49 -30.33
N PHE A 226 6.16 -9.77 -31.17
CA PHE A 226 5.98 -9.61 -32.62
C PHE A 226 5.10 -10.76 -33.20
N LYS A 227 4.61 -10.61 -34.43
CA LYS A 227 3.89 -11.71 -35.08
C LYS A 227 4.31 -11.69 -36.53
N ASN A 228 5.21 -12.58 -36.91
CA ASN A 228 5.91 -12.41 -38.20
C ASN A 228 5.20 -12.93 -39.45
N THR A 229 3.93 -13.33 -39.29
CA THR A 229 3.04 -13.71 -40.41
C THR A 229 3.11 -12.87 -41.71
N PRO A 230 3.00 -11.52 -41.62
CA PRO A 230 2.87 -10.74 -42.86
C PRO A 230 4.22 -10.47 -43.55
N ALA A 231 4.90 -11.55 -43.93
CA ALA A 231 6.30 -11.49 -44.33
C ALA A 231 6.49 -10.66 -45.59
N ALA A 232 5.48 -10.59 -46.45
CA ALA A 232 5.61 -9.84 -47.71
C ALA A 232 5.82 -8.34 -47.49
N GLU A 233 5.35 -7.82 -46.35
CA GLU A 233 5.54 -6.41 -46.04
C GLU A 233 6.84 -6.05 -45.29
N GLY A 234 7.62 -7.05 -44.91
CA GLY A 234 8.98 -6.83 -44.43
C GLY A 234 9.19 -6.08 -43.13
N ASN A 235 8.23 -6.14 -42.22
CA ASN A 235 8.36 -5.36 -41.00
C ASN A 235 8.91 -6.15 -39.79
N ASP A 236 9.62 -7.26 -40.06
CA ASP A 236 10.16 -8.10 -39.00
C ASP A 236 11.12 -7.35 -38.08
N SER A 237 12.11 -6.71 -38.69
CA SER A 237 13.23 -6.04 -38.02
C SER A 237 12.76 -4.85 -37.17
N THR A 238 11.90 -4.01 -37.75
CA THR A 238 11.37 -2.85 -37.05
C THR A 238 10.43 -3.24 -35.90
N THR A 239 9.60 -4.26 -36.11
CA THR A 239 8.72 -4.70 -35.03
C THR A 239 9.54 -5.26 -33.87
N GLU A 240 10.52 -6.13 -34.16
CA GLU A 240 11.35 -6.71 -33.09
C GLU A 240 12.13 -5.62 -32.34
N SER A 241 12.61 -4.63 -33.10
CA SER A 241 13.31 -3.48 -32.56
C SER A 241 12.44 -2.80 -31.50
N TYR A 242 11.17 -2.57 -31.84
CA TYR A 242 10.23 -1.94 -30.91
C TYR A 242 9.96 -2.82 -29.69
N MET A 243 9.74 -4.12 -29.91
CA MET A 243 9.47 -5.04 -28.81
C MET A 243 10.60 -4.94 -27.77
N LYS A 244 11.84 -4.98 -28.25
CA LYS A 244 12.99 -4.88 -27.38
C LYS A 244 13.06 -3.52 -26.67
N GLY A 245 12.90 -2.45 -27.44
CA GLY A 245 12.95 -1.09 -26.87
C GLY A 245 11.85 -0.80 -25.86
N LEU A 246 10.63 -1.26 -26.15
CA LEU A 246 9.52 -1.16 -25.19
C LEU A 246 9.85 -1.85 -23.86
N TRP A 247 10.47 -3.02 -23.95
CA TRP A 247 10.88 -3.75 -22.74
C TRP A 247 11.91 -2.95 -21.93
N LEU A 248 12.93 -2.46 -22.62
CA LEU A 248 14.09 -1.84 -22.00
C LEU A 248 13.72 -0.52 -21.33
N SER A 249 12.66 0.12 -21.84
CA SER A 249 12.17 1.40 -21.28
C SER A 249 10.94 1.25 -20.36
N ASN A 250 10.67 0.02 -19.94
CA ASN A 250 9.62 -0.27 -18.98
C ASN A 250 8.22 0.02 -19.52
N HIS A 251 8.02 -0.25 -20.82
CA HIS A 251 6.70 -0.17 -21.41
C HIS A 251 6.04 -1.53 -21.62
N THR A 252 6.74 -2.60 -21.24
CA THR A 252 6.24 -3.98 -21.21
C THR A 252 7.10 -4.76 -20.22
N TYR A 253 6.49 -5.71 -19.53
CA TYR A 253 7.18 -6.51 -18.50
C TYR A 253 8.25 -7.41 -19.14
N GLN A 254 7.88 -8.06 -20.24
CA GLN A 254 8.77 -8.91 -21.03
C GLN A 254 8.29 -8.85 -22.46
N TRP A 255 9.07 -9.39 -23.37
CA TRP A 255 8.66 -9.41 -24.77
C TRP A 255 8.94 -10.78 -25.38
N GLY A 256 8.44 -11.00 -26.60
CA GLY A 256 8.70 -12.27 -27.27
C GLY A 256 8.26 -12.18 -28.72
N GLY A 257 7.97 -13.32 -29.32
CA GLY A 257 7.63 -13.37 -30.73
C GLY A 257 6.76 -14.55 -31.04
N LEU A 258 5.81 -14.33 -31.94
CA LEU A 258 5.09 -15.44 -32.54
C LEU A 258 5.71 -15.67 -33.93
N MET A 259 6.24 -16.86 -34.15
CA MET A 259 6.92 -17.19 -35.40
C MET A 259 6.03 -18.10 -36.23
N ASP A 260 5.79 -17.72 -37.50
CA ASP A 260 4.69 -18.29 -38.27
C ASP A 260 5.14 -18.87 -39.63
N THR A 261 4.93 -20.17 -39.82
CA THR A 261 5.31 -20.85 -41.07
C THR A 261 4.40 -20.43 -42.27
N TRP A 262 3.29 -19.74 -42.02
CA TRP A 262 2.50 -19.10 -43.07
C TRP A 262 3.27 -18.02 -43.81
N LYS A 263 4.46 -17.64 -43.30
CA LYS A 263 5.29 -16.65 -43.99
C LYS A 263 5.68 -17.13 -45.41
N TRP A 264 5.78 -18.45 -45.59
CA TRP A 264 6.16 -19.11 -46.87
C TRP A 264 5.08 -18.91 -47.98
N TYR A 265 3.83 -18.91 -47.54
CA TYR A 265 2.62 -18.59 -48.33
C TYR A 265 2.56 -17.09 -48.60
N GLU A 266 2.75 -16.29 -47.55
CA GLU A 266 2.69 -14.83 -47.70
C GLU A 266 3.67 -14.31 -48.74
N THR A 267 4.83 -14.98 -48.87
CA THR A 267 5.85 -14.57 -49.86
C THR A 267 5.83 -15.34 -51.18
N GLY A 268 4.92 -16.30 -51.31
CA GLY A 268 4.71 -16.97 -52.60
C GLY A 268 5.73 -18.04 -52.94
N LYS A 269 6.43 -18.55 -51.93
CA LYS A 269 7.42 -19.60 -52.13
C LYS A 269 6.77 -20.97 -52.28
N TRP A 270 7.47 -21.89 -52.94
CA TRP A 270 6.97 -23.26 -53.08
C TRP A 270 8.05 -24.30 -52.71
N LYS A 271 8.38 -25.23 -53.60
CA LYS A 271 9.36 -26.29 -53.30
C LYS A 271 10.67 -25.64 -52.83
N LEU A 272 11.34 -26.24 -51.85
CA LEU A 272 12.59 -25.65 -51.30
C LEU A 272 13.61 -25.44 -52.41
N PHE A 273 14.14 -24.21 -52.47
CA PHE A 273 15.18 -23.75 -53.40
C PHE A 273 14.75 -23.61 -54.86
N ALA A 274 13.52 -24.02 -55.19
CA ALA A 274 13.03 -23.96 -56.57
C ALA A 274 12.80 -22.54 -57.04
N SER A 275 13.04 -22.26 -58.31
CA SER A 275 12.81 -20.89 -58.75
C SER A 275 11.33 -20.67 -59.12
N GLY A 276 10.92 -19.40 -59.27
CA GLY A 276 9.54 -19.07 -59.57
C GLY A 276 8.75 -18.74 -58.30
N ASN A 277 7.74 -17.87 -58.46
CA ASN A 277 6.85 -17.47 -57.39
C ASN A 277 5.42 -17.93 -57.71
N ILE A 278 4.70 -18.48 -56.73
CA ILE A 278 3.36 -18.99 -57.00
C ILE A 278 2.29 -18.09 -56.35
N GLY A 279 2.71 -17.03 -55.67
CA GLY A 279 1.80 -16.18 -54.90
C GLY A 279 1.08 -16.99 -53.82
N LYS A 280 -0.12 -16.54 -53.48
CA LYS A 280 -0.86 -17.14 -52.38
C LYS A 280 -1.88 -18.15 -52.88
N SER A 281 -1.39 -19.25 -53.45
CA SER A 281 -2.21 -20.14 -54.25
C SER A 281 -2.28 -21.57 -53.70
N GLN A 282 -1.36 -21.90 -52.77
CA GLN A 282 -1.24 -23.26 -52.26
C GLN A 282 -1.02 -23.26 -50.73
N GLY A 283 -1.84 -22.50 -50.01
CA GLY A 283 -1.68 -22.27 -48.58
C GLY A 283 -1.19 -23.45 -47.78
N ASP A 284 -1.90 -24.56 -47.88
CA ASP A 284 -1.68 -25.70 -47.00
C ASP A 284 -0.42 -26.51 -47.33
N ARG A 285 -0.03 -26.53 -48.60
CA ARG A 285 1.32 -27.02 -48.92
C ARG A 285 2.37 -26.00 -48.43
N GLN A 286 2.08 -24.72 -48.56
CA GLN A 286 3.04 -23.67 -48.25
C GLN A 286 3.41 -23.54 -46.74
N TRP A 287 2.44 -23.61 -45.84
CA TRP A 287 2.79 -23.52 -44.40
C TRP A 287 3.52 -24.75 -43.84
N LEU A 288 3.53 -25.84 -44.61
CA LEU A 288 4.33 -27.03 -44.28
C LEU A 288 5.79 -26.97 -44.71
N THR A 289 6.14 -26.03 -45.59
CA THR A 289 7.42 -26.12 -46.30
C THR A 289 8.63 -25.44 -45.63
N GLU A 290 8.41 -24.42 -44.79
CA GLU A 290 9.55 -23.77 -44.13
C GLU A 290 10.41 -24.82 -43.41
N PRO A 291 11.74 -24.83 -43.67
CA PRO A 291 12.69 -25.69 -42.94
C PRO A 291 12.48 -25.67 -41.41
N GLU A 292 12.40 -26.85 -40.82
CA GLU A 292 12.21 -27.00 -39.36
C GLU A 292 13.23 -26.18 -38.54
N SER A 293 14.50 -26.34 -38.89
CA SER A 293 15.57 -25.62 -38.17
C SER A 293 15.49 -24.09 -38.32
N MET A 294 14.85 -23.59 -39.38
CA MET A 294 14.74 -22.14 -39.56
C MET A 294 13.91 -21.46 -38.45
N LEU A 295 12.90 -22.14 -37.91
CA LEU A 295 12.17 -21.63 -36.72
C LEU A 295 13.11 -21.38 -35.54
N GLY A 296 14.10 -22.26 -35.38
CA GLY A 296 15.16 -22.06 -34.35
C GLY A 296 16.03 -20.85 -34.65
N GLU A 297 16.32 -20.57 -35.93
CA GLU A 297 17.05 -19.33 -36.31
C GLU A 297 16.25 -18.07 -35.97
N GLU A 298 14.94 -18.12 -36.24
CA GLU A 298 14.01 -17.06 -35.84
C GLU A 298 13.96 -16.85 -34.33
N ALA A 299 13.86 -17.95 -33.60
CA ALA A 299 13.72 -17.93 -32.13
C ALA A 299 14.96 -17.39 -31.41
N LEU A 300 16.15 -17.53 -32.04
CA LEU A 300 17.40 -16.97 -31.52
C LEU A 300 17.42 -15.44 -31.43
N GLY A 301 16.76 -14.79 -32.39
CA GLY A 301 16.57 -13.36 -32.33
C GLY A 301 15.79 -12.91 -31.11
N VAL A 302 14.88 -13.73 -30.62
CA VAL A 302 14.18 -13.45 -29.35
C VAL A 302 15.15 -13.65 -28.16
N TYR A 303 15.67 -14.87 -28.05
CA TYR A 303 16.60 -15.25 -26.97
C TYR A 303 17.79 -14.29 -26.82
N LEU A 304 18.51 -14.11 -27.92
CA LEU A 304 19.76 -13.32 -27.89
C LEU A 304 19.57 -11.87 -27.48
N ASN A 305 18.30 -11.43 -27.54
CA ASN A 305 17.96 -10.04 -27.25
C ASN A 305 17.13 -9.83 -25.98
N GLY A 306 17.09 -10.87 -25.14
CA GLY A 306 16.47 -10.78 -23.82
C GLY A 306 14.98 -11.13 -23.80
N GLY A 307 14.43 -11.56 -24.94
CA GLY A 307 13.04 -12.01 -24.98
C GLY A 307 12.89 -13.39 -24.38
N VAL A 308 11.68 -13.69 -23.89
CA VAL A 308 11.44 -14.89 -23.09
C VAL A 308 10.09 -15.57 -23.36
N VAL A 309 9.33 -15.03 -24.31
CA VAL A 309 8.00 -15.62 -24.62
C VAL A 309 7.97 -16.10 -26.05
N TYR A 310 7.51 -17.32 -26.26
CA TYR A 310 7.56 -17.95 -27.59
C TYR A 310 6.20 -18.53 -27.96
N ASN A 311 5.80 -18.34 -29.22
CA ASN A 311 4.55 -18.93 -29.73
C ASN A 311 4.73 -19.18 -31.22
N PHE A 312 3.99 -20.14 -31.79
CA PHE A 312 4.17 -20.53 -33.17
C PHE A 312 2.85 -20.79 -33.91
N GLU A 313 2.85 -20.54 -35.22
CA GLU A 313 1.87 -21.08 -36.17
C GLU A 313 2.65 -21.69 -37.38
N HIS A 314 2.09 -22.59 -38.19
CA HIS A 314 0.74 -23.21 -38.06
C HIS A 314 0.88 -24.27 -36.97
N PRO A 315 -0.07 -24.32 -35.98
CA PRO A 315 0.09 -25.27 -34.85
C PRO A 315 0.29 -26.74 -35.20
N ALA A 316 -0.32 -27.25 -36.30
CA ALA A 316 -0.21 -28.68 -36.64
C ALA A 316 1.22 -29.11 -36.99
N TYR A 317 1.98 -28.20 -37.61
CA TYR A 317 3.35 -28.47 -38.05
C TYR A 317 4.33 -28.15 -36.90
N THR A 318 4.13 -27.01 -36.24
CA THR A 318 5.07 -26.53 -35.24
C THR A 318 4.98 -27.27 -33.91
N TYR A 319 3.79 -27.76 -33.56
CA TYR A 319 3.56 -28.50 -32.30
C TYR A 319 3.19 -29.94 -32.54
N GLY A 320 2.20 -30.17 -33.39
CA GLY A 320 1.76 -31.54 -33.65
C GLY A 320 0.26 -31.72 -33.76
N VAL A 321 -0.15 -32.98 -33.87
CA VAL A 321 -1.56 -33.37 -33.95
C VAL A 321 -1.82 -34.56 -33.03
N ASN A 322 -3.09 -34.75 -32.68
CA ASN A 322 -3.52 -35.94 -31.92
C ASN A 322 -2.72 -36.15 -30.66
N ASN A 323 -2.41 -35.06 -29.95
CA ASN A 323 -1.67 -35.16 -28.72
C ASN A 323 -0.25 -35.75 -28.84
N LYS A 324 0.29 -35.78 -30.06
CA LYS A 324 1.68 -36.18 -30.35
C LYS A 324 2.53 -34.99 -30.82
N GLU A 325 3.80 -34.99 -30.44
CA GLU A 325 4.75 -33.97 -30.91
C GLU A 325 5.14 -34.16 -32.38
N SER A 326 5.09 -33.08 -33.16
CA SER A 326 5.67 -33.07 -34.51
C SER A 326 7.19 -33.15 -34.39
N LEU A 327 7.85 -33.57 -35.47
CA LEU A 327 9.32 -33.60 -35.49
C LEU A 327 9.93 -32.19 -35.38
N LEU A 328 9.26 -31.20 -35.94
CA LEU A 328 9.65 -29.80 -35.76
C LEU A 328 9.64 -29.47 -34.25
N PHE A 329 8.55 -29.84 -33.57
CA PHE A 329 8.51 -29.62 -32.12
C PHE A 329 9.61 -30.38 -31.41
N SER A 330 9.74 -31.67 -31.70
CA SER A 330 10.60 -32.50 -30.86
C SER A 330 12.08 -32.23 -31.08
N GLU A 331 12.45 -31.98 -32.35
CA GLU A 331 13.85 -31.84 -32.75
C GLU A 331 14.38 -30.41 -32.74
N VAL A 332 13.47 -29.43 -32.81
CA VAL A 332 13.90 -28.03 -32.82
C VAL A 332 13.34 -27.30 -31.62
N ILE A 333 12.02 -27.10 -31.58
CA ILE A 333 11.44 -26.19 -30.58
C ILE A 333 11.70 -26.67 -29.15
N LYS A 334 11.49 -27.96 -28.89
CA LYS A 334 11.66 -28.47 -27.55
C LYS A 334 13.14 -28.38 -27.12
N GLU A 335 14.06 -28.72 -28.04
CA GLU A 335 15.51 -28.59 -27.74
C GLU A 335 15.90 -27.15 -27.47
N PHE A 336 15.36 -26.25 -28.29
CA PHE A 336 15.67 -24.83 -28.16
C PHE A 336 15.12 -24.29 -26.84
N PHE A 337 13.84 -24.58 -26.54
CA PHE A 337 13.23 -24.09 -25.31
C PHE A 337 13.91 -24.66 -24.06
N ARG A 338 14.32 -25.93 -24.08
CA ARG A 338 15.13 -26.48 -22.99
C ARG A 338 16.45 -25.71 -22.83
N TYR A 339 17.04 -25.29 -23.95
CA TYR A 339 18.29 -24.52 -23.90
C TYR A 339 18.09 -23.17 -23.19
N VAL A 340 16.99 -22.49 -23.48
CA VAL A 340 16.77 -21.18 -22.85
C VAL A 340 16.29 -21.28 -21.38
N ILE A 341 15.74 -22.42 -20.96
CA ILE A 341 15.52 -22.65 -19.52
C ILE A 341 16.89 -22.91 -18.82
N ALA A 342 17.76 -23.73 -19.43
CA ALA A 342 19.04 -24.12 -18.82
C ALA A 342 20.06 -22.97 -18.87
N HIS A 343 19.91 -22.10 -19.87
CA HIS A 343 20.75 -20.92 -19.99
C HIS A 343 19.83 -19.70 -20.13
N PRO A 344 19.40 -19.09 -19.01
CA PRO A 344 18.44 -17.98 -19.08
C PRO A 344 18.94 -16.84 -19.97
N ALA A 345 18.04 -16.26 -20.75
CA ALA A 345 18.37 -15.19 -21.67
C ALA A 345 19.03 -14.03 -20.93
N PRO A 346 19.77 -13.17 -21.66
CA PRO A 346 20.35 -12.02 -20.93
C PRO A 346 19.28 -11.16 -20.23
N SER A 347 19.55 -10.79 -18.98
CA SER A 347 18.64 -9.96 -18.16
C SER A 347 18.45 -8.57 -18.75
N LYS A 348 17.39 -7.85 -18.34
CA LYS A 348 17.23 -6.46 -18.81
C LYS A 348 18.47 -5.61 -18.54
N GLU A 349 19.05 -5.84 -17.38
CA GLU A 349 20.19 -5.04 -16.93
C GLU A 349 21.39 -5.31 -17.81
N LYS A 350 21.60 -6.59 -18.15
CA LYS A 350 22.67 -6.95 -19.06
C LYS A 350 22.47 -6.45 -20.50
N VAL A 351 21.27 -6.64 -21.05
CA VAL A 351 20.98 -6.18 -22.41
C VAL A 351 21.19 -4.66 -22.50
N LEU A 352 20.76 -3.97 -21.45
CA LEU A 352 20.81 -2.52 -21.33
C LEU A 352 22.26 -2.03 -21.20
N GLU A 353 23.06 -2.72 -20.39
CA GLU A 353 24.53 -2.49 -20.34
C GLU A 353 25.21 -2.59 -21.72
N ASP A 354 24.80 -3.58 -22.52
CA ASP A 354 25.37 -3.81 -23.87
C ASP A 354 24.85 -2.85 -24.98
N THR A 355 23.71 -2.22 -24.75
CA THR A 355 23.11 -1.37 -25.77
C THR A 355 23.93 -0.09 -25.93
N LYS A 356 24.28 0.25 -27.17
CA LYS A 356 25.08 1.47 -27.43
C LYS A 356 24.30 2.58 -28.12
N VAL A 357 23.24 2.20 -28.83
CA VAL A 357 22.32 3.10 -29.54
C VAL A 357 20.90 2.67 -29.22
N PHE A 358 20.04 3.63 -28.87
CA PHE A 358 18.60 3.40 -28.65
C PHE A 358 17.83 4.41 -29.50
N ILE A 359 17.06 3.93 -30.48
CA ILE A 359 16.36 4.81 -31.43
C ILE A 359 15.02 5.30 -30.85
N HIS A 360 14.76 6.59 -31.01
CA HIS A 360 13.45 7.18 -30.70
C HIS A 360 12.81 7.73 -31.97
N GLY A 361 11.70 7.14 -32.39
CA GLY A 361 10.94 7.65 -33.51
C GLY A 361 10.15 6.59 -34.25
N ASP A 362 9.53 6.98 -35.37
CA ASP A 362 8.65 6.08 -36.09
C ASP A 362 9.31 5.47 -37.31
N TYR A 363 9.55 4.17 -37.28
CA TYR A 363 10.04 3.46 -38.47
C TYR A 363 9.17 3.63 -39.72
N SER A 364 7.84 3.74 -39.53
CA SER A 364 6.87 3.99 -40.62
C SER A 364 7.21 5.20 -41.48
N ASN A 365 7.81 6.22 -40.84
CA ASN A 365 8.27 7.45 -41.51
C ASN A 365 9.66 7.32 -42.18
N LYS A 366 10.35 6.20 -41.92
CA LYS A 366 11.69 5.99 -42.46
C LYS A 366 11.82 4.68 -43.21
N GLY A 367 10.77 4.34 -43.93
CA GLY A 367 10.81 3.19 -44.83
C GLY A 367 10.51 1.85 -44.18
N ASN A 368 10.13 1.84 -42.90
CA ASN A 368 9.79 0.60 -42.20
C ASN A 368 10.95 -0.42 -42.19
N GLY A 369 10.65 -1.68 -42.51
CA GLY A 369 11.65 -2.76 -42.56
C GLY A 369 12.85 -2.43 -43.45
N LYS A 370 12.63 -1.52 -44.40
CA LYS A 370 13.71 -1.06 -45.29
C LYS A 370 14.85 -0.43 -44.52
N PHE A 371 14.53 0.18 -43.38
CA PHE A 371 15.52 0.83 -42.50
C PHE A 371 16.79 -0.02 -42.23
N PHE A 372 16.63 -1.34 -42.08
CA PHE A 372 17.73 -2.22 -41.67
C PHE A 372 18.32 -3.07 -42.80
N VAL A 373 17.67 -3.06 -43.97
CA VAL A 373 18.20 -3.75 -45.15
C VAL A 373 19.58 -3.20 -45.50
N ASN A 374 20.52 -4.13 -45.63
CA ASN A 374 21.93 -3.82 -45.85
C ASN A 374 22.62 -3.08 -44.68
N VAL A 375 21.95 -3.09 -43.52
CA VAL A 375 22.54 -2.70 -42.24
C VAL A 375 22.72 -4.03 -41.47
N ASN A 376 21.61 -4.72 -41.14
CA ASN A 376 21.73 -6.08 -40.58
C ASN A 376 20.70 -7.11 -41.08
N THR A 377 19.95 -6.78 -42.13
CA THR A 377 19.18 -7.78 -42.87
C THR A 377 19.62 -7.80 -44.35
N ASP A 378 19.56 -8.95 -45.00
CA ASP A 378 20.05 -9.05 -46.40
C ASP A 378 18.99 -8.70 -47.47
N ARG A 379 17.75 -8.52 -47.03
CA ARG A 379 16.61 -8.32 -47.96
C ARG A 379 15.44 -7.79 -47.16
N GLU A 380 14.46 -7.22 -47.86
CA GLU A 380 13.21 -6.83 -47.22
C GLU A 380 12.42 -7.98 -46.59
N GLN A 381 12.29 -9.11 -47.28
CA GLN A 381 11.39 -10.18 -46.84
C GLN A 381 12.12 -11.32 -46.15
N THR A 382 12.53 -11.09 -44.91
CA THR A 382 13.22 -12.09 -44.09
C THR A 382 12.92 -11.93 -42.59
N PRO A 383 12.86 -13.05 -41.84
CA PRO A 383 12.79 -13.01 -40.38
C PRO A 383 14.18 -13.20 -39.74
N LEU A 384 15.23 -13.20 -40.57
CA LEU A 384 16.61 -13.41 -40.13
C LEU A 384 17.48 -12.16 -40.20
N TYR A 385 18.67 -12.25 -39.55
CA TYR A 385 19.69 -11.19 -39.64
C TYR A 385 20.94 -11.68 -40.30
N MET A 386 21.68 -10.76 -40.93
CA MET A 386 22.87 -11.11 -41.69
C MET A 386 24.14 -10.88 -40.87
N THR A 387 24.06 -10.08 -39.81
CA THR A 387 25.17 -9.88 -38.89
C THR A 387 24.63 -9.69 -37.49
N GLY A 388 25.38 -10.18 -36.48
CA GLY A 388 25.05 -9.93 -35.07
C GLY A 388 25.80 -8.77 -34.45
N ARG A 389 26.53 -8.04 -35.29
CA ARG A 389 27.42 -6.94 -34.82
C ARG A 389 26.71 -5.88 -33.95
N TYR A 390 25.49 -5.53 -34.33
CA TYR A 390 24.73 -4.50 -33.63
C TYR A 390 23.64 -5.14 -32.80
N ASN A 391 23.68 -6.48 -32.69
CA ASN A 391 22.51 -7.32 -32.40
C ASN A 391 21.20 -6.77 -32.97
N VAL A 392 20.19 -6.58 -32.10
CA VAL A 392 18.95 -5.88 -32.47
C VAL A 392 19.00 -4.51 -31.83
N ILE A 393 19.00 -3.47 -32.67
CA ILE A 393 18.97 -2.09 -32.18
C ILE A 393 17.58 -1.75 -31.63
N PRO A 394 17.51 -1.40 -30.33
CA PRO A 394 16.22 -1.13 -29.70
C PRO A 394 15.65 0.26 -30.05
N ALA A 395 14.32 0.33 -30.15
CA ALA A 395 13.65 1.59 -30.41
C ALA A 395 12.31 1.67 -29.66
N ILE A 396 11.81 2.88 -29.45
CA ILE A 396 10.39 3.11 -29.12
C ILE A 396 9.81 4.17 -30.05
N PRO A 397 8.47 4.11 -30.32
CA PRO A 397 7.77 5.09 -31.16
C PRO A 397 7.94 6.54 -30.64
N GLY A 398 7.90 7.50 -31.54
CA GLY A 398 8.08 8.92 -31.20
C GLY A 398 7.09 9.54 -30.23
N VAL A 399 5.88 8.99 -30.18
CA VAL A 399 4.86 9.41 -29.20
C VAL A 399 5.30 9.20 -27.73
N LEU A 400 6.17 8.22 -27.49
CA LEU A 400 6.60 7.94 -26.11
C LEU A 400 7.76 8.86 -25.72
N LYS A 401 7.85 9.24 -24.45
CA LYS A 401 9.02 10.02 -24.02
C LYS A 401 10.18 9.14 -23.54
N THR A 402 11.39 9.70 -23.57
CA THR A 402 12.61 9.03 -23.08
C THR A 402 13.16 9.66 -21.78
N ASP A 403 12.63 9.31 -20.61
CA ASP A 403 11.59 8.28 -20.41
C ASP A 403 10.24 8.85 -19.94
N ILE A 414 24.70 4.76 -23.36
CA ILE A 414 23.71 4.65 -24.44
C ILE A 414 23.40 6.02 -25.04
N GLN A 415 23.61 6.14 -26.34
CA GLN A 415 23.14 7.26 -27.15
C GLN A 415 21.67 7.06 -27.58
N ILE A 416 20.80 7.94 -27.11
CA ILE A 416 19.41 7.96 -27.54
C ILE A 416 19.33 8.89 -28.73
N LYS A 417 19.06 8.33 -29.90
CA LYS A 417 19.06 9.05 -31.16
C LYS A 417 17.68 9.09 -31.78
N GLU A 418 17.29 10.30 -32.18
CA GLU A 418 16.04 10.54 -32.88
C GLU A 418 16.20 9.96 -34.25
N ILE A 419 15.16 9.26 -34.71
CA ILE A 419 15.21 8.61 -36.00
C ILE A 419 15.45 9.57 -37.17
N THR A 420 15.20 10.86 -36.93
CA THR A 420 15.34 11.90 -37.96
C THR A 420 16.72 12.55 -37.97
N SER A 421 17.59 12.08 -37.09
CA SER A 421 18.95 12.58 -37.03
C SER A 421 19.74 12.17 -38.29
N PRO A 422 20.75 12.99 -38.67
CA PRO A 422 21.48 12.78 -39.93
C PRO A 422 22.10 11.38 -40.07
N GLU A 423 22.49 10.78 -38.94
CA GLU A 423 23.12 9.44 -38.91
C GLU A 423 22.22 8.31 -39.47
N PHE A 424 20.92 8.55 -39.53
CA PHE A 424 19.98 7.54 -39.98
C PHE A 424 19.37 7.82 -41.35
N SER A 425 19.81 8.91 -41.97
CA SER A 425 19.22 9.40 -43.22
C SER A 425 19.36 8.42 -44.40
N SER A 426 20.36 7.54 -44.33
CA SER A 426 20.62 6.60 -45.40
C SER A 426 21.25 5.31 -44.86
N THR A 427 21.34 4.29 -45.71
CA THR A 427 22.00 3.03 -45.36
C THR A 427 23.43 3.27 -44.90
N GLN A 428 24.21 3.97 -45.72
CA GLN A 428 25.64 4.18 -45.42
C GLN A 428 25.87 5.02 -44.17
N ALA A 429 25.02 6.02 -43.95
CA ALA A 429 25.09 6.81 -42.70
C ALA A 429 24.84 5.93 -41.47
N ARG A 430 23.88 5.01 -41.58
CA ARG A 430 23.52 4.12 -40.47
C ARG A 430 24.71 3.25 -40.06
N LYS A 431 25.35 2.63 -41.05
CA LYS A 431 26.52 1.79 -40.79
C LYS A 431 27.75 2.52 -40.24
N GLU A 432 28.11 3.66 -40.84
CA GLU A 432 29.22 4.45 -40.33
C GLU A 432 29.02 4.82 -38.87
N TYR A 433 27.83 5.30 -38.53
CA TYR A 433 27.56 5.71 -37.17
C TYR A 433 27.59 4.53 -36.21
N LEU A 434 26.99 3.41 -36.62
CA LEU A 434 26.88 2.25 -35.76
C LEU A 434 28.23 1.57 -35.60
N ASN A 435 29.01 1.54 -36.69
CA ASN A 435 30.34 0.94 -36.69
C ASN A 435 31.36 1.55 -35.73
N LYS A 436 31.16 2.80 -35.33
CA LYS A 436 32.00 3.45 -34.31
C LYS A 436 31.64 2.93 -32.92
N LEU A 437 30.38 2.59 -32.74
CA LEU A 437 29.86 2.25 -31.43
C LEU A 437 29.80 0.74 -31.20
N TYR A 438 29.72 -0.01 -32.30
CA TYR A 438 29.71 -1.46 -32.30
C TYR A 438 30.89 -1.97 -33.13
N PRO A 439 31.97 -2.42 -32.47
CA PRO A 439 33.14 -2.90 -33.21
C PRO A 439 32.87 -4.25 -33.89
N MET A 440 33.56 -4.49 -34.99
CA MET A 440 33.52 -5.76 -35.69
C MET A 440 34.14 -6.81 -34.76
N ASN A 441 33.39 -7.86 -34.45
CA ASN A 441 33.89 -8.85 -33.50
C ASN A 441 33.99 -10.29 -34.06
N TYR A 442 33.83 -10.43 -35.37
CA TYR A 442 34.11 -11.70 -36.07
C TYR A 442 34.31 -11.43 -37.54
N GLU A 443 34.74 -12.44 -38.30
CA GLU A 443 35.00 -12.30 -39.72
C GLU A 443 34.11 -13.28 -40.49
N GLY A 444 33.71 -12.90 -41.69
CA GLY A 444 32.93 -13.78 -42.57
C GLY A 444 31.52 -13.32 -42.87
N ASP A 445 31.02 -13.68 -44.04
CA ASP A 445 29.64 -13.39 -44.46
C ASP A 445 28.70 -14.49 -43.91
N ILE A 446 28.22 -14.29 -42.68
CA ILE A 446 27.43 -15.29 -41.93
C ILE A 446 26.86 -14.54 -40.71
N PHE A 447 25.75 -15.01 -40.14
CA PHE A 447 25.30 -14.44 -38.86
C PHE A 447 26.07 -15.08 -37.71
N ALA A 448 26.56 -14.24 -36.81
CA ALA A 448 27.13 -14.67 -35.52
C ALA A 448 26.99 -13.57 -34.46
N GLN A 449 26.78 -14.02 -33.23
CA GLN A 449 26.65 -13.13 -32.10
C GLN A 449 27.23 -13.85 -30.90
N LYS A 450 27.98 -13.09 -30.11
CA LYS A 450 28.64 -13.63 -28.92
C LYS A 450 27.96 -13.19 -27.63
N LEU A 451 27.75 -14.15 -26.72
CA LEU A 451 27.26 -13.88 -25.37
C LEU A 451 28.18 -14.60 -24.40
N ASP A 452 28.73 -13.88 -23.42
CA ASP A 452 29.76 -14.46 -22.53
C ASP A 452 30.73 -15.39 -23.26
N ASN A 453 30.79 -16.66 -22.88
CA ASN A 453 31.72 -17.62 -23.52
C ASN A 453 31.16 -18.34 -24.75
N ARG A 454 30.04 -17.86 -25.28
CA ARG A 454 29.29 -18.58 -26.30
C ARG A 454 29.19 -17.81 -27.62
N TRP A 455 29.55 -18.48 -28.72
CA TRP A 455 29.26 -17.97 -30.09
C TRP A 455 28.00 -18.62 -30.64
N PHE A 456 27.07 -17.80 -31.10
CA PHE A 456 25.84 -18.26 -31.73
C PHE A 456 25.94 -17.97 -33.23
N VAL A 457 25.79 -18.99 -34.05
CA VAL A 457 26.01 -18.84 -35.50
C VAL A 457 24.86 -19.41 -36.30
N TYR A 458 24.45 -18.73 -37.37
CA TYR A 458 23.58 -19.35 -38.37
C TYR A 458 23.84 -18.85 -39.79
N ASN A 459 23.50 -19.69 -40.76
CA ASN A 459 23.50 -19.32 -42.19
C ASN A 459 22.19 -18.53 -42.42
N TYR A 460 22.29 -17.28 -42.90
CA TYR A 460 21.09 -16.42 -43.02
C TYR A 460 20.28 -16.50 -44.31
N LYS A 461 20.65 -17.40 -45.22
CA LYS A 461 19.92 -17.56 -46.50
C LYS A 461 18.56 -18.17 -46.22
N VAL A 462 17.54 -17.69 -46.94
CA VAL A 462 16.16 -18.15 -46.76
C VAL A 462 15.79 -19.28 -47.74
N ASN A 463 15.94 -19.02 -49.04
CA ASN A 463 15.50 -20.01 -50.02
C ASN A 463 16.52 -20.12 -51.17
N GLU A 464 17.80 -19.96 -50.81
CA GLU A 464 18.91 -19.97 -51.78
C GLU A 464 19.95 -20.92 -51.22
N ASN A 465 20.40 -21.88 -52.02
CA ASN A 465 21.25 -22.93 -51.52
C ASN A 465 22.72 -22.52 -51.57
N VAL A 466 23.09 -21.62 -50.66
CA VAL A 466 24.45 -21.04 -50.59
C VAL A 466 25.09 -21.35 -49.23
N LYS A 467 26.30 -21.94 -49.26
CA LYS A 467 27.06 -22.15 -48.03
C LYS A 467 27.67 -20.82 -47.53
N GLN A 468 27.79 -20.71 -46.21
CA GLN A 468 28.43 -19.56 -45.56
C GLN A 468 29.51 -19.99 -44.57
N THR A 469 30.48 -19.10 -44.39
CA THR A 469 31.64 -19.32 -43.52
C THR A 469 31.94 -18.12 -42.65
N GLY A 470 32.44 -18.40 -41.44
CA GLY A 470 32.88 -17.39 -40.52
C GLY A 470 34.10 -17.82 -39.71
N LYS A 471 34.83 -16.83 -39.20
CA LYS A 471 35.93 -17.06 -38.24
C LYS A 471 35.59 -16.39 -36.90
N LEU A 472 35.49 -17.20 -35.85
CA LEU A 472 35.10 -16.73 -34.51
C LEU A 472 36.25 -16.93 -33.55
N LYS A 473 36.36 -16.07 -32.53
CA LYS A 473 37.47 -16.15 -31.57
C LYS A 473 36.98 -16.21 -30.13
N PHE A 474 37.54 -17.15 -29.36
CA PHE A 474 37.45 -17.19 -27.89
C PHE A 474 38.90 -16.97 -27.42
N ASN A 475 39.28 -15.72 -27.21
CA ASN A 475 40.67 -15.36 -26.88
C ASN A 475 41.76 -15.30 -28.04
N SER A 476 42.96 -15.89 -27.99
CA SER A 476 43.33 -17.32 -28.04
C SER A 476 42.74 -18.26 -29.11
N LEU A 477 41.75 -19.08 -28.77
CA LEU A 477 41.22 -20.11 -29.66
C LEU A 477 40.44 -19.54 -30.85
N GLU A 478 40.78 -20.02 -32.04
CA GLU A 478 40.22 -19.51 -33.27
C GLU A 478 39.49 -20.66 -33.94
N MET A 479 38.22 -20.41 -34.26
CA MET A 479 37.34 -21.39 -34.87
C MET A 479 36.73 -20.89 -36.19
N ASN A 480 36.96 -21.62 -37.28
CA ASN A 480 36.21 -21.39 -38.52
C ASN A 480 35.05 -22.38 -38.62
N VAL A 481 33.93 -21.93 -39.18
CA VAL A 481 32.81 -22.85 -39.45
C VAL A 481 32.32 -22.67 -40.89
N GLU A 482 31.76 -23.73 -41.45
CA GLU A 482 31.09 -23.68 -42.76
C GLU A 482 29.72 -24.33 -42.59
N PHE A 483 28.64 -23.55 -42.80
CA PHE A 483 27.26 -23.99 -42.64
C PHE A 483 26.54 -23.93 -43.99
N GLU A 484 25.72 -24.95 -44.28
CA GLU A 484 24.65 -24.88 -45.30
C GLU A 484 23.50 -24.03 -44.74
N PRO A 485 22.57 -23.58 -45.61
CA PRO A 485 21.34 -22.92 -45.13
C PRO A 485 20.56 -23.74 -44.12
N HIS A 486 19.80 -23.05 -43.27
CA HIS A 486 18.92 -23.69 -42.27
C HIS A 486 19.76 -24.53 -41.31
N THR A 487 20.77 -23.88 -40.75
CA THR A 487 21.72 -24.50 -39.84
C THR A 487 22.13 -23.47 -38.80
N TYR A 488 21.90 -23.78 -37.53
CA TYR A 488 22.45 -22.96 -36.45
C TYR A 488 23.32 -23.76 -35.50
N GLY A 489 24.29 -23.09 -34.87
CA GLY A 489 25.15 -23.73 -33.87
C GLY A 489 25.43 -22.82 -32.69
N ILE A 490 25.65 -23.44 -31.54
CA ILE A 490 26.05 -22.75 -30.30
C ILE A 490 27.35 -23.39 -29.86
N PHE A 491 28.39 -22.56 -29.78
CA PHE A 491 29.74 -23.00 -29.47
C PHE A 491 30.21 -22.35 -28.16
N GLU A 492 30.35 -23.15 -27.11
CA GLU A 492 30.69 -22.63 -25.75
C GLU A 492 32.11 -23.03 -25.34
N ARG A 493 32.96 -22.06 -25.07
CA ARG A 493 34.30 -22.37 -24.58
C ARG A 493 34.14 -22.88 -23.14
N ILE A 494 34.62 -24.09 -22.89
CA ILE A 494 34.57 -24.68 -21.56
C ILE A 494 36.01 -24.95 -21.10
N SER A 495 36.16 -25.33 -19.83
CA SER A 495 37.51 -25.44 -19.25
C SER A 495 38.42 -26.42 -20.01
N ASN A 496 37.92 -27.58 -20.40
CA ASN A 496 38.81 -28.48 -21.15
C ASN A 496 38.59 -28.56 -22.68
N GLY A 497 37.91 -27.57 -23.27
CA GLY A 497 37.65 -27.56 -24.69
C GLY A 497 36.50 -26.66 -25.14
N LEU A 498 35.56 -27.29 -25.84
CA LEU A 498 34.50 -26.59 -26.57
C LEU A 498 33.27 -27.48 -26.52
N LYS A 499 32.16 -26.92 -26.04
CA LYS A 499 30.87 -27.59 -26.06
C LYS A 499 30.11 -27.15 -27.32
N VAL A 500 29.52 -28.10 -28.03
CA VAL A 500 28.90 -27.82 -29.32
C VAL A 500 27.46 -28.30 -29.37
N ASN A 501 26.55 -27.39 -29.70
CA ASN A 501 25.17 -27.74 -30.02
C ASN A 501 24.88 -27.34 -31.47
N LEU A 502 24.47 -28.28 -32.30
CA LEU A 502 24.20 -27.97 -33.69
C LEU A 502 22.76 -28.33 -34.03
N ASN A 503 22.12 -27.57 -34.91
CA ASN A 503 20.80 -27.97 -35.39
C ASN A 503 20.64 -27.61 -36.86
N ASN A 504 20.53 -28.63 -37.71
CA ASN A 504 20.25 -28.44 -39.14
C ASN A 504 19.07 -29.30 -39.63
N PHE A 505 18.15 -29.60 -38.71
CA PHE A 505 17.03 -30.50 -39.00
C PHE A 505 16.14 -29.92 -40.09
N ARG A 506 16.00 -30.68 -41.17
CA ARG A 506 15.25 -30.25 -42.34
C ARG A 506 14.78 -31.50 -43.11
N THR A 507 13.49 -31.86 -42.93
CA THR A 507 12.95 -33.02 -43.62
C THR A 507 12.71 -32.63 -45.08
N ASN A 508 12.47 -33.65 -45.90
CA ASN A 508 12.24 -33.41 -47.32
C ASN A 508 10.75 -33.18 -47.60
N LYS A 509 10.41 -31.98 -48.06
CA LYS A 509 9.04 -31.62 -48.36
C LYS A 509 8.71 -31.80 -49.85
N ASP A 510 9.64 -32.31 -50.64
CA ASP A 510 9.43 -32.36 -52.10
C ASP A 510 8.17 -33.10 -52.51
N SER A 511 7.82 -34.16 -51.78
CA SER A 511 6.60 -34.94 -52.08
C SER A 511 5.30 -34.10 -52.12
N LEU A 512 5.21 -33.05 -51.29
CA LEU A 512 4.10 -32.11 -51.34
C LEU A 512 4.04 -31.40 -52.70
N TRP A 513 5.18 -31.34 -53.38
CA TRP A 513 5.31 -30.59 -54.63
C TRP A 513 5.52 -31.49 -55.87
N SER A 514 5.29 -32.79 -55.68
CA SER A 514 5.25 -33.80 -56.75
C SER A 514 4.36 -33.36 -57.87
N ASN A 515 4.66 -33.80 -59.09
CA ASN A 515 3.78 -33.54 -60.24
C ASN A 515 3.81 -32.08 -60.68
N ALA A 516 4.81 -31.32 -60.20
CA ALA A 516 4.98 -29.94 -60.63
C ALA A 516 6.44 -29.65 -60.96
N GLN A 517 6.74 -29.50 -62.25
CA GLN A 517 8.12 -29.28 -62.71
C GLN A 517 8.52 -27.79 -62.70
N ASP A 518 7.53 -26.91 -62.65
CA ASP A 518 7.78 -25.47 -62.50
C ASP A 518 6.69 -24.79 -61.66
N ALA A 519 6.91 -23.51 -61.34
CA ALA A 519 5.98 -22.70 -60.53
C ALA A 519 4.57 -22.62 -61.16
N ASN A 520 4.49 -22.56 -62.49
CA ASN A 520 3.19 -22.52 -63.15
C ASN A 520 2.40 -23.80 -62.85
N GLN A 521 3.06 -24.95 -62.89
CA GLN A 521 2.41 -26.24 -62.60
C GLN A 521 2.03 -26.41 -61.13
N ALA A 522 2.92 -25.91 -60.25
CA ALA A 522 2.74 -26.00 -58.80
C ALA A 522 1.52 -25.20 -58.38
N LYS A 523 1.40 -24.02 -58.97
CA LYS A 523 0.28 -23.14 -58.71
C LYS A 523 -1.05 -23.88 -58.95
N LYS A 524 -1.04 -24.80 -59.92
CA LYS A 524 -2.26 -25.47 -60.40
C LYS A 524 -2.50 -26.85 -59.74
N LEU A 525 -1.65 -27.22 -58.79
CA LEU A 525 -1.87 -28.49 -58.08
C LEU A 525 -3.26 -28.49 -57.42
N PRO A 526 -3.88 -29.67 -57.24
CA PRO A 526 -5.11 -29.69 -56.44
C PRO A 526 -4.81 -29.13 -55.04
N GLN A 527 -5.73 -28.34 -54.48
CA GLN A 527 -5.55 -27.85 -53.10
C GLN A 527 -5.30 -29.00 -52.13
N LEU A 528 -4.32 -28.82 -51.24
CA LEU A 528 -4.13 -29.79 -50.20
C LEU A 528 -5.30 -29.71 -49.22
N THR A 529 -5.76 -28.49 -48.95
CA THR A 529 -6.91 -28.28 -48.07
C THR A 529 -6.50 -28.34 -46.57
N LYS A 530 -7.24 -27.64 -45.69
CA LYS A 530 -6.96 -27.67 -44.23
C LYS A 530 -7.04 -29.08 -43.68
N LYS A 531 -8.13 -29.77 -43.93
CA LYS A 531 -8.29 -31.14 -43.48
C LYS A 531 -7.26 -32.09 -44.10
N GLY A 532 -6.93 -31.86 -45.37
CA GLY A 532 -5.94 -32.67 -46.08
C GLY A 532 -4.55 -32.50 -45.48
N ALA A 533 -4.22 -31.29 -45.06
CA ALA A 533 -2.88 -31.03 -44.50
C ALA A 533 -2.71 -31.71 -43.14
N ILE A 534 -3.78 -31.66 -42.34
CA ILE A 534 -3.79 -32.35 -41.04
C ILE A 534 -3.61 -33.86 -41.29
N LYS A 535 -4.33 -34.39 -42.27
CA LYS A 535 -4.19 -35.80 -42.65
C LYS A 535 -2.78 -36.14 -43.18
N TRP A 536 -2.18 -35.26 -43.98
CA TRP A 536 -0.78 -35.44 -44.42
C TRP A 536 0.20 -35.54 -43.27
N ILE A 537 0.04 -34.65 -42.27
CA ILE A 537 0.86 -34.70 -41.05
C ILE A 537 0.70 -36.03 -40.32
N GLU A 538 -0.55 -36.45 -40.07
CA GLU A 538 -0.82 -37.76 -39.46
C GLU A 538 -0.15 -38.92 -40.23
N GLU A 539 -0.29 -38.91 -41.55
CA GLU A 539 0.09 -40.04 -42.42
C GLU A 539 1.55 -40.06 -42.88
N HIS A 540 2.12 -38.89 -43.15
CA HIS A 540 3.42 -38.74 -43.82
C HIS A 540 4.45 -37.88 -43.05
N TYR A 541 4.06 -37.31 -41.92
CA TYR A 541 5.00 -36.54 -41.08
C TYR A 541 5.23 -37.14 -39.69
N ILE A 542 4.14 -37.40 -38.95
CA ILE A 542 4.20 -38.09 -37.66
C ILE A 542 4.77 -39.51 -37.86
N LYS A 543 4.28 -40.17 -38.91
CA LYS A 543 4.81 -41.45 -39.31
C LYS A 543 5.20 -41.42 -40.78
N ASP A 544 6.03 -42.39 -41.18
CA ASP A 544 6.45 -42.49 -42.59
C ASP A 544 7.17 -41.25 -43.08
N THR A 545 7.90 -40.61 -42.15
CA THR A 545 8.59 -39.38 -42.43
C THR A 545 9.58 -39.53 -43.60
N GLN A 546 9.58 -38.54 -44.48
CA GLN A 546 10.59 -38.45 -45.52
C GLN A 546 11.73 -37.57 -45.02
N PHE A 547 12.69 -38.18 -44.33
CA PHE A 547 13.76 -37.43 -43.68
C PHE A 547 14.61 -36.82 -44.76
N GLY A 548 15.19 -35.65 -44.48
CA GLY A 548 16.13 -35.02 -45.42
C GLY A 548 17.45 -35.80 -45.52
N GLU A 549 18.25 -35.48 -46.52
CA GLU A 549 19.60 -36.07 -46.62
C GLU A 549 20.51 -35.52 -45.55
N LYS A 550 21.47 -36.32 -45.10
CA LYS A 550 22.49 -35.83 -44.17
C LYS A 550 23.30 -34.85 -44.98
N ARG A 551 23.89 -33.86 -44.33
CA ARG A 551 24.59 -32.79 -45.04
C ARG A 551 25.77 -32.29 -44.19
N VAL A 552 26.77 -31.74 -44.85
CA VAL A 552 28.06 -31.45 -44.20
C VAL A 552 28.15 -30.08 -43.51
N THR A 553 28.64 -30.12 -42.28
CA THR A 553 29.07 -28.96 -41.51
C THR A 553 30.57 -29.15 -41.26
N LYS A 554 31.35 -28.09 -41.48
CA LYS A 554 32.78 -28.13 -41.11
C LYS A 554 33.09 -27.18 -39.98
N ILE A 555 33.88 -27.65 -39.01
CA ILE A 555 34.40 -26.81 -37.92
C ILE A 555 35.91 -26.94 -38.00
N VAL A 556 36.60 -25.80 -37.99
CA VAL A 556 38.07 -25.80 -38.04
C VAL A 556 38.64 -25.06 -36.85
N LEU A 557 39.47 -25.73 -36.04
CA LEU A 557 40.08 -25.09 -34.90
C LEU A 557 41.52 -24.81 -35.25
N ARG A 558 41.99 -23.62 -34.88
CA ARG A 558 43.35 -23.17 -35.16
C ARG A 558 44.08 -22.91 -33.85
N GLY A 559 45.40 -22.96 -33.89
CA GLY A 559 46.23 -22.83 -32.69
C GLY A 559 46.12 -24.04 -31.78
N ILE A 560 46.18 -25.22 -32.39
CA ILE A 560 45.92 -26.49 -31.70
C ILE A 560 47.21 -27.34 -31.64
N ASP A 561 47.52 -27.85 -30.44
CA ASP A 561 48.78 -28.58 -30.15
C ASP A 561 48.70 -30.09 -30.46
N LYS A 562 47.58 -30.70 -30.11
CA LYS A 562 47.35 -32.12 -30.28
C LYS A 562 45.92 -32.39 -30.74
N LEU A 563 45.70 -33.61 -31.21
CA LEU A 563 44.39 -34.05 -31.65
C LEU A 563 43.36 -33.97 -30.50
N PRO A 564 42.30 -33.17 -30.68
CA PRO A 564 41.21 -33.15 -29.70
C PRO A 564 40.42 -34.46 -29.73
N THR A 565 39.71 -34.75 -28.64
CA THR A 565 38.83 -35.92 -28.61
C THR A 565 37.38 -35.50 -28.47
N ILE A 566 36.47 -36.35 -28.95
CA ILE A 566 35.05 -36.08 -28.90
C ILE A 566 34.43 -36.90 -27.78
N HIS A 567 33.55 -36.25 -27.01
CA HIS A 567 32.93 -36.80 -25.84
C HIS A 567 31.46 -36.39 -25.81
N SER A 568 30.67 -37.20 -25.12
CA SER A 568 29.24 -36.94 -24.92
C SER A 568 28.48 -36.69 -26.23
N LEU A 569 28.72 -37.55 -27.22
CA LEU A 569 28.08 -37.40 -28.52
C LEU A 569 26.65 -37.97 -28.51
N SER A 570 25.67 -37.12 -28.81
CA SER A 570 24.28 -37.54 -28.92
C SER A 570 23.54 -36.63 -29.90
N GLY A 571 22.33 -37.02 -30.29
CA GLY A 571 21.55 -36.24 -31.23
C GLY A 571 20.32 -36.99 -31.72
N THR A 572 19.60 -36.36 -32.64
CA THR A 572 18.45 -36.99 -33.25
C THR A 572 18.77 -38.42 -33.68
N ASN A 573 17.88 -39.35 -33.34
CA ASN A 573 18.07 -40.74 -33.66
C ASN A 573 18.33 -41.01 -35.17
N ASN A 574 19.36 -41.80 -35.47
CA ASN A 574 19.72 -42.18 -36.86
C ASN A 574 19.95 -41.02 -37.82
N SER A 575 20.54 -39.92 -37.34
CA SER A 575 20.55 -38.66 -38.13
C SER A 575 21.96 -38.11 -38.39
N TYR A 576 22.98 -38.76 -37.83
CA TYR A 576 24.36 -38.29 -37.97
C TYR A 576 25.36 -39.46 -38.05
N ASP A 577 26.41 -39.25 -38.85
CA ASP A 577 27.58 -40.12 -38.82
C ASP A 577 28.53 -39.72 -37.71
N GLN A 578 29.45 -40.63 -37.34
CA GLN A 578 30.50 -40.30 -36.36
C GLN A 578 31.36 -39.19 -36.98
N PRO A 579 31.53 -38.05 -36.27
CA PRO A 579 32.35 -36.97 -36.85
C PRO A 579 33.75 -37.45 -37.19
N SER A 580 34.27 -36.98 -38.32
CA SER A 580 35.61 -37.28 -38.80
C SER A 580 36.57 -36.14 -38.49
N LEU A 581 37.73 -36.45 -37.91
CA LEU A 581 38.78 -35.46 -37.69
C LEU A 581 40.00 -35.62 -38.62
N ASN A 582 40.57 -34.47 -38.95
CA ASN A 582 41.79 -34.40 -39.74
C ASN A 582 42.73 -33.37 -39.11
N PHE A 583 43.78 -33.89 -38.50
CA PHE A 583 44.72 -33.09 -37.72
C PHE A 583 45.98 -32.84 -38.55
N ASP A 584 46.25 -31.55 -38.78
CA ASP A 584 47.38 -31.03 -39.53
C ASP A 584 48.33 -30.49 -38.46
N GLN A 585 49.24 -31.34 -37.99
CA GLN A 585 50.05 -31.08 -36.78
C GLN A 585 50.88 -29.78 -36.84
N LYS A 586 51.48 -29.56 -38.01
CA LYS A 586 52.40 -28.46 -38.25
C LYS A 586 51.69 -27.12 -38.18
N ASN A 587 50.48 -27.08 -38.74
CA ASN A 587 49.68 -25.88 -38.89
C ASN A 587 48.76 -25.64 -37.72
N HIS A 588 48.92 -26.48 -36.71
CA HIS A 588 48.24 -26.31 -35.43
C HIS A 588 46.72 -26.25 -35.61
N MET A 589 46.22 -27.11 -36.49
CA MET A 589 44.80 -27.10 -36.86
C MET A 589 44.16 -28.48 -37.04
N VAL A 590 42.88 -28.54 -36.71
CA VAL A 590 42.06 -29.73 -36.86
C VAL A 590 40.80 -29.33 -37.64
N THR A 591 40.46 -30.12 -38.66
CA THR A 591 39.19 -29.95 -39.38
C THR A 591 38.29 -31.08 -38.92
N ILE A 592 37.12 -30.72 -38.40
CA ILE A 592 36.08 -31.69 -38.01
C ILE A 592 34.97 -31.66 -39.06
N THR A 593 34.67 -32.83 -39.63
CA THR A 593 33.60 -32.93 -40.61
C THR A 593 32.43 -33.67 -40.00
N ILE A 594 31.28 -32.99 -39.98
CA ILE A 594 30.02 -33.58 -39.51
C ILE A 594 29.10 -33.78 -40.72
N ASN A 595 28.48 -34.95 -40.78
CA ASN A 595 27.47 -35.28 -41.81
C ASN A 595 26.18 -35.69 -41.06
N SER A 596 25.15 -34.84 -41.13
CA SER A 596 24.00 -34.97 -40.24
C SER A 596 22.76 -34.25 -40.75
N ASN A 597 21.61 -34.60 -40.17
CA ASN A 597 20.39 -33.84 -40.44
C ASN A 597 19.53 -34.01 -39.21
N GLY A 598 19.65 -33.07 -38.27
CA GLY A 598 18.95 -33.19 -36.99
C GLY A 598 19.53 -32.24 -35.98
N ASN A 599 19.24 -32.47 -34.70
CA ASN A 599 20.03 -31.83 -33.65
C ASN A 599 21.19 -32.70 -33.20
N LEU A 600 22.17 -32.07 -32.55
CA LEU A 600 23.44 -32.72 -32.25
C LEU A 600 24.16 -31.97 -31.17
N GLU A 601 24.78 -32.71 -30.24
CA GLU A 601 25.68 -32.11 -29.26
C GLU A 601 26.83 -33.02 -28.92
N PHE A 602 27.92 -32.40 -28.49
CA PHE A 602 29.12 -33.08 -28.08
C PHE A 602 30.07 -32.03 -27.51
N GLU A 603 31.13 -32.55 -26.90
CA GLU A 603 32.21 -31.77 -26.35
C GLU A 603 33.50 -32.23 -27.02
N LEU A 604 34.35 -31.25 -27.31
CA LEU A 604 35.68 -31.49 -27.77
C LEU A 604 36.61 -31.13 -26.62
N HIS A 605 37.46 -32.07 -26.25
CA HIS A 605 38.42 -31.85 -25.20
C HIS A 605 39.80 -31.68 -25.83
N PHE A 606 40.48 -30.61 -25.45
CA PHE A 606 41.79 -30.29 -26.01
C PHE A 606 42.56 -29.31 -25.17
N VAL B 25 0.47 35.55 11.26
CA VAL B 25 1.05 34.28 10.72
C VAL B 25 -0.01 33.19 10.82
N ASP B 26 -0.19 32.41 9.74
CA ASP B 26 -1.22 31.35 9.71
C ASP B 26 -0.98 30.35 10.84
N LYS B 27 -2.02 30.07 11.62
CA LYS B 27 -1.93 29.05 12.69
C LYS B 27 -1.54 27.69 12.12
N ARG B 28 -0.73 26.95 12.87
CA ARG B 28 -0.30 25.61 12.43
C ARG B 28 -1.39 24.56 12.57
N ARG B 29 -2.34 24.84 13.47
CA ARG B 29 -3.52 23.99 13.70
C ARG B 29 -4.67 24.81 14.23
N GLU B 30 -5.87 24.27 14.13
CA GLU B 30 -6.96 24.90 14.81
C GLU B 30 -7.20 24.18 16.14
N ILE B 31 -7.57 24.99 17.15
CA ILE B 31 -8.00 24.49 18.46
C ILE B 31 -9.24 25.29 18.80
N ASN B 32 -10.38 24.62 18.86
CA ASN B 32 -11.65 25.27 19.15
C ASN B 32 -12.70 24.19 19.40
N ASN B 33 -13.95 24.58 19.59
CA ASN B 33 -14.97 23.55 19.93
C ASN B 33 -15.09 22.42 18.91
N GLU B 34 -14.95 22.77 17.63
CA GLU B 34 -15.05 21.82 16.52
C GLU B 34 -13.76 21.05 16.29
N HIS B 35 -12.66 21.60 16.80
CA HIS B 35 -11.33 21.02 16.70
C HIS B 35 -10.67 20.91 18.08
N PRO B 36 -11.24 20.06 18.97
CA PRO B 36 -10.65 20.02 20.31
C PRO B 36 -9.26 19.39 20.28
N LEU B 37 -8.59 19.40 21.44
CA LEU B 37 -7.20 18.95 21.52
C LEU B 37 -7.03 18.07 22.72
N LEU B 38 -6.61 16.82 22.49
CA LEU B 38 -6.23 15.90 23.55
C LEU B 38 -4.71 15.83 23.54
N MET B 39 -4.07 16.35 24.60
CA MET B 39 -2.61 16.21 24.74
C MET B 39 -2.25 14.79 25.16
N MET B 40 -1.20 14.23 24.54
CA MET B 40 -0.76 12.88 24.79
C MET B 40 0.66 12.90 25.37
N PRO B 41 0.80 12.94 26.71
CA PRO B 41 2.14 13.11 27.32
C PRO B 41 3.10 11.91 27.14
N LEU B 42 4.39 12.20 26.95
CA LEU B 42 5.44 11.19 26.96
C LEU B 42 6.61 11.77 27.75
N TYR B 43 6.90 11.17 28.91
CA TYR B 43 7.91 11.66 29.86
C TYR B 43 9.27 10.95 29.64
N ALA B 44 10.31 11.74 29.37
CA ALA B 44 11.69 11.24 29.16
C ALA B 44 12.16 10.43 30.34
N ASN B 45 12.74 9.26 30.05
CA ASN B 45 13.43 8.43 31.03
C ASN B 45 14.90 8.85 31.16
N GLY B 46 15.18 9.63 32.21
CA GLY B 46 16.49 10.23 32.44
C GLY B 46 17.53 9.22 32.86
N GLU B 47 17.12 8.19 33.59
CA GLU B 47 18.04 7.12 33.97
C GLU B 47 18.55 6.39 32.72
N GLU B 48 17.67 6.14 31.76
CA GLU B 48 18.08 5.48 30.52
C GLU B 48 18.82 6.41 29.57
N PHE B 49 18.51 7.70 29.64
CA PHE B 49 19.27 8.69 28.90
C PHE B 49 20.75 8.70 29.32
N ASN B 50 21.01 8.53 30.63
CA ASN B 50 22.38 8.29 31.16
C ASN B 50 23.11 7.07 30.57
N GLN B 51 22.33 6.12 30.06
CA GLN B 51 22.83 4.92 29.38
C GLN B 51 22.90 5.06 27.86
N GLY B 52 22.61 6.25 27.34
CA GLY B 52 22.68 6.51 25.90
C GLY B 52 21.45 6.08 25.13
N LYS B 53 20.38 5.78 25.87
CA LYS B 53 19.09 5.39 25.28
C LYS B 53 18.15 6.59 25.22
N TYR B 54 17.22 6.56 24.26
CA TYR B 54 16.23 7.59 24.13
C TYR B 54 14.83 6.97 24.32
N THR B 55 14.39 6.96 25.58
CA THR B 55 13.18 6.26 25.98
C THR B 55 12.25 7.12 26.88
N PHE B 56 11.06 6.57 27.14
CA PHE B 56 10.03 7.21 27.97
C PHE B 56 9.64 6.28 29.14
N TRP B 57 9.35 6.87 30.30
CA TRP B 57 8.82 6.11 31.45
C TRP B 57 7.49 5.48 31.06
N GLY B 58 7.34 4.18 31.37
CA GLY B 58 6.12 3.44 31.02
C GLY B 58 6.27 2.68 29.72
N GLY B 59 7.37 2.88 29.02
CA GLY B 59 7.70 2.11 27.84
C GLY B 59 6.99 2.43 26.53
N ASP B 60 6.22 3.52 26.48
CA ASP B 60 5.73 3.99 25.17
C ASP B 60 6.94 4.38 24.28
N THR B 61 6.76 4.32 22.97
CA THR B 61 7.70 4.89 22.02
C THR B 61 6.91 5.94 21.26
N LEU B 62 7.57 6.97 20.73
CA LEU B 62 6.89 8.07 20.05
C LEU B 62 6.08 7.51 18.86
N THR B 63 6.74 6.68 18.03
CA THR B 63 6.15 6.12 16.81
C THR B 63 5.07 5.08 17.14
N GLY B 64 5.40 4.18 18.05
CA GLY B 64 4.43 3.17 18.53
C GLY B 64 3.18 3.77 19.13
N LYS B 65 3.36 4.80 19.97
CA LYS B 65 2.25 5.52 20.63
C LYS B 65 1.34 6.17 19.59
N TRP B 66 1.94 6.94 18.68
CA TRP B 66 1.17 7.60 17.64
C TRP B 66 0.38 6.58 16.79
N GLU B 67 1.02 5.50 16.34
CA GLU B 67 0.29 4.46 15.59
C GLU B 67 -0.94 3.86 16.26
N ASN B 68 -0.85 3.66 17.59
CA ASN B 68 -1.91 3.05 18.43
C ASN B 68 -3.09 4.03 18.60
N ILE B 69 -2.88 5.31 18.36
CA ILE B 69 -3.98 6.28 18.45
C ILE B 69 -4.97 6.00 17.32
N PRO B 70 -6.25 5.74 17.67
CA PRO B 70 -7.27 5.48 16.65
C PRO B 70 -7.24 6.57 15.59
N ASP B 71 -7.37 6.18 14.32
CA ASP B 71 -7.35 7.11 13.19
C ASP B 71 -8.36 8.29 13.30
N ASP B 72 -9.57 8.06 13.82
CA ASP B 72 -10.52 9.15 14.04
C ASP B 72 -10.03 10.21 15.02
N LEU B 73 -9.12 9.85 15.91
CA LEU B 73 -8.62 10.77 16.95
C LEU B 73 -7.34 11.49 16.53
N LYS B 74 -6.64 10.98 15.51
CA LYS B 74 -5.34 11.57 15.09
C LYS B 74 -5.35 13.08 14.75
N PRO B 75 -6.45 13.59 14.11
CA PRO B 75 -6.49 15.03 13.80
C PRO B 75 -6.72 15.90 15.03
N TYR B 76 -6.99 15.27 16.17
CA TYR B 76 -7.35 15.99 17.40
C TYR B 76 -6.39 15.74 18.60
N THR B 77 -5.29 15.03 18.35
CA THR B 77 -4.32 14.66 19.41
C THR B 77 -2.89 15.07 19.00
N VAL B 78 -2.12 15.52 19.98
CA VAL B 78 -0.75 15.93 19.76
C VAL B 78 0.11 15.33 20.86
N ILE B 79 1.26 14.73 20.47
CA ILE B 79 2.27 14.24 21.40
C ILE B 79 2.89 15.38 22.21
N GLN B 80 2.77 15.31 23.53
CA GLN B 80 3.44 16.27 24.40
C GLN B 80 4.67 15.63 25.07
N LEU B 81 5.86 16.01 24.60
CA LEU B 81 7.10 15.62 25.23
C LEU B 81 7.30 16.38 26.53
N HIS B 82 7.75 15.64 27.54
CA HIS B 82 8.07 16.18 28.87
C HIS B 82 9.47 15.68 29.25
N PRO B 83 10.33 16.58 29.76
CA PRO B 83 11.70 16.23 30.08
C PRO B 83 11.90 15.43 31.39
N ASP B 84 10.83 15.32 32.18
CA ASP B 84 10.83 14.61 33.46
C ASP B 84 12.21 14.66 34.15
N ASP B 85 12.89 13.52 34.27
CA ASP B 85 14.10 13.48 35.10
C ASP B 85 15.41 13.39 34.27
N LEU B 86 15.40 14.00 33.09
CA LEU B 86 16.64 14.22 32.33
C LEU B 86 17.64 14.98 33.22
N PRO B 87 18.95 14.68 33.06
CA PRO B 87 20.02 15.38 33.77
C PRO B 87 19.80 16.90 33.81
N LYS B 88 19.97 17.49 34.98
CA LYS B 88 19.74 18.91 35.18
C LYS B 88 21.05 19.65 34.88
N ARG B 89 21.35 19.74 33.59
CA ARG B 89 22.54 20.45 33.12
C ARG B 89 22.30 20.82 31.67
N ASP B 90 23.12 21.74 31.14
CA ASP B 90 22.96 22.17 29.75
C ASP B 90 23.06 21.02 28.77
N GLY B 91 22.19 21.06 27.75
CA GLY B 91 22.29 20.13 26.64
C GLY B 91 21.43 18.87 26.65
N ALA B 92 21.07 18.40 27.85
CA ALA B 92 20.32 17.15 28.01
C ALA B 92 18.92 17.23 27.36
N ALA B 93 18.15 18.26 27.72
CA ALA B 93 16.81 18.44 27.14
C ALA B 93 16.87 18.74 25.63
N ARG B 94 17.82 19.56 25.17
CA ARG B 94 17.95 19.81 23.70
C ARG B 94 18.21 18.54 22.90
N ASP B 95 19.12 17.71 23.42
CA ASP B 95 19.52 16.44 22.79
C ASP B 95 18.32 15.48 22.70
N PHE B 96 17.67 15.22 23.83
CA PHE B 96 16.48 14.36 23.83
C PHE B 96 15.40 14.90 22.90
N TYR B 97 15.11 16.20 22.98
CA TYR B 97 14.00 16.75 22.21
C TYR B 97 14.30 16.72 20.69
N GLU B 98 15.52 17.08 20.31
CA GLU B 98 15.89 17.08 18.88
C GLU B 98 15.88 15.68 18.27
N HIS B 99 16.23 14.68 19.07
CA HIS B 99 16.10 13.28 18.71
C HIS B 99 14.63 12.91 18.43
N MET B 100 13.73 13.30 19.32
CA MET B 100 12.31 12.95 19.16
C MET B 100 11.61 13.77 18.11
N LEU B 101 12.04 15.01 17.91
CA LEU B 101 11.49 15.82 16.81
C LEU B 101 11.87 15.22 15.45
N GLU B 102 13.10 14.73 15.34
CA GLU B 102 13.54 14.00 14.15
C GLU B 102 12.71 12.73 13.92
N GLU B 103 12.50 11.92 14.96
CA GLU B 103 11.67 10.73 14.85
C GLU B 103 10.25 11.10 14.39
N ALA B 104 9.67 12.12 15.02
CA ALA B 104 8.32 12.58 14.65
C ALA B 104 8.24 13.05 13.20
N ALA B 105 9.21 13.86 12.77
CA ALA B 105 9.25 14.46 11.44
C ALA B 105 9.39 13.43 10.32
N LYS B 106 10.12 12.37 10.60
CA LYS B 106 10.44 11.36 9.60
C LYS B 106 9.43 10.20 9.55
N TYR B 107 8.45 10.20 10.44
CA TYR B 107 7.46 9.11 10.52
C TYR B 107 6.78 8.84 9.18
N VAL B 108 6.58 7.56 8.90
CA VAL B 108 5.92 7.09 7.68
C VAL B 108 4.74 6.19 8.05
N ASN B 109 3.53 6.64 7.71
CA ASN B 109 2.32 5.83 7.80
C ASN B 109 2.52 4.50 7.05
N PRO B 110 2.61 3.37 7.80
CA PRO B 110 3.02 2.11 7.17
C PRO B 110 1.90 1.43 6.40
N LYS B 111 0.76 2.11 6.28
CA LYS B 111 -0.33 1.68 5.40
C LYS B 111 -0.25 2.40 4.04
N THR B 112 -0.03 3.72 4.09
CA THR B 112 0.08 4.51 2.88
C THR B 112 1.54 4.63 2.39
N GLY B 113 2.48 4.32 3.27
CA GLY B 113 3.91 4.47 2.98
C GLY B 113 4.40 5.89 2.76
N LYS B 114 3.54 6.88 3.01
CA LYS B 114 3.93 8.29 2.83
C LYS B 114 4.32 8.99 4.14
N ASN B 115 5.25 9.95 4.03
CA ASN B 115 5.72 10.75 5.16
C ASN B 115 4.60 11.60 5.75
N GLU B 116 4.14 11.21 6.95
CA GLU B 116 3.18 12.02 7.70
C GLU B 116 3.76 12.41 9.07
N PRO B 117 4.45 13.57 9.12
CA PRO B 117 5.06 14.12 10.35
C PRO B 117 4.08 14.10 11.52
N ILE B 118 4.57 13.61 12.66
CA ILE B 118 3.74 13.52 13.87
C ILE B 118 3.67 14.89 14.58
N PRO B 119 2.46 15.37 14.88
CA PRO B 119 2.38 16.68 15.55
C PRO B 119 2.89 16.64 17.02
N VAL B 120 3.68 17.67 17.39
CA VAL B 120 4.38 17.70 18.69
C VAL B 120 4.15 19.00 19.45
N ILE B 121 4.07 18.90 20.78
CA ILE B 121 4.17 20.04 21.68
C ILE B 121 5.35 19.76 22.62
N LEU B 122 6.21 20.76 22.85
CA LEU B 122 7.31 20.61 23.83
C LEU B 122 6.99 21.29 25.17
N THR B 123 7.26 20.56 26.25
CA THR B 123 7.31 21.20 27.58
C THR B 123 8.63 22.00 27.75
N VAL B 124 8.50 23.32 27.82
CA VAL B 124 9.66 24.23 27.84
C VAL B 124 9.90 24.91 29.21
N TYR B 125 8.90 24.84 30.09
CA TYR B 125 8.92 25.55 31.38
C TYR B 125 8.11 24.79 32.45
N THR B 126 8.68 24.53 33.62
CA THR B 126 7.99 23.81 34.69
C THR B 126 8.85 23.97 35.95
N ALA B 127 8.20 23.90 37.14
CA ALA B 127 8.89 24.20 38.41
C ALA B 127 9.74 25.47 38.35
N GLY B 128 9.16 26.51 37.76
CA GLY B 128 9.82 27.82 37.57
C GLY B 128 11.14 27.78 36.81
N ASN B 129 11.36 26.69 36.09
CA ASN B 129 12.62 26.39 35.38
C ASN B 129 13.84 26.58 36.27
N MET B 130 13.71 26.32 37.57
CA MET B 130 14.87 26.38 38.46
C MET B 130 15.86 25.28 38.09
N PRO B 131 17.15 25.60 38.02
CA PRO B 131 18.16 24.63 37.58
C PRO B 131 18.31 23.42 38.52
N TYR B 132 17.89 23.58 39.76
CA TYR B 132 17.83 22.45 40.67
C TYR B 132 16.62 21.55 40.45
N TYR B 133 15.61 22.00 39.67
CA TYR B 133 14.41 21.17 39.46
C TYR B 133 14.24 20.55 38.08
N THR B 134 14.69 21.24 37.04
CA THR B 134 14.42 20.75 35.71
C THR B 134 15.49 21.05 34.66
N SER B 135 15.70 20.07 33.79
CA SER B 135 16.49 20.22 32.58
C SER B 135 15.90 21.25 31.59
N ALA B 136 14.60 21.57 31.76
CA ALA B 136 13.96 22.52 30.85
C ALA B 136 14.56 23.92 30.97
N HIS B 137 15.28 24.18 32.09
CA HIS B 137 16.03 25.43 32.30
C HIS B 137 16.92 25.78 31.09
N TRP B 138 17.50 24.76 30.46
CA TRP B 138 18.49 24.97 29.39
C TRP B 138 17.84 24.79 28.02
N LEU B 139 16.68 25.43 27.87
CA LEU B 139 15.98 25.53 26.57
C LEU B 139 15.71 27.00 26.29
N SER B 140 16.60 27.64 25.53
CA SER B 140 16.52 29.08 25.26
C SER B 140 15.39 29.40 24.26
N THR B 141 14.91 30.63 24.31
CA THR B 141 13.89 31.12 23.37
C THR B 141 14.44 31.06 21.91
N SER B 142 15.75 31.28 21.76
CA SER B 142 16.45 31.10 20.47
C SER B 142 16.30 29.71 19.90
N TRP B 143 16.60 28.73 20.75
CA TRP B 143 16.49 27.34 20.38
C TRP B 143 15.05 27.00 19.99
N ILE B 144 14.09 27.49 20.77
CA ILE B 144 12.68 27.23 20.51
C ILE B 144 12.32 27.77 19.13
N ASP B 145 12.64 29.02 18.86
CA ASP B 145 12.42 29.65 17.54
C ASP B 145 13.04 28.82 16.41
N LYS B 146 14.29 28.37 16.61
CA LYS B 146 14.98 27.48 15.68
C LYS B 146 14.22 26.18 15.45
N MET B 147 13.67 25.60 16.52
CA MET B 147 12.84 24.38 16.36
C MET B 147 11.53 24.60 15.60
N TYR B 148 10.85 25.71 15.88
CA TYR B 148 9.62 26.02 15.15
C TYR B 148 9.90 26.15 13.64
N GLN B 149 11.02 26.80 13.33
CA GLN B 149 11.42 27.05 11.93
C GLN B 149 11.88 25.77 11.23
N LYS B 150 12.48 24.86 11.98
CA LYS B 150 12.93 23.59 11.40
C LYS B 150 11.81 22.55 11.24
N TYR B 151 10.82 22.57 12.14
CA TYR B 151 9.82 21.49 12.25
C TYR B 151 8.41 22.03 12.09
N PRO B 152 7.82 21.93 10.88
CA PRO B 152 6.44 22.39 10.74
C PRO B 152 5.48 21.63 11.65
N ASN B 153 5.85 20.41 12.01
CA ASN B 153 5.06 19.55 12.90
C ASN B 153 5.14 19.94 14.40
N LEU B 154 6.05 20.86 14.75
CA LEU B 154 6.02 21.48 16.09
C LEU B 154 4.89 22.49 16.18
N HIS B 155 3.83 22.14 16.89
CA HIS B 155 2.62 22.98 16.91
C HIS B 155 2.50 23.92 18.10
N GLY B 156 3.33 23.69 19.13
CA GLY B 156 3.23 24.48 20.33
C GLY B 156 4.22 24.10 21.39
N ILE B 157 4.19 24.89 22.46
CA ILE B 157 5.12 24.76 23.57
C ILE B 157 4.31 24.97 24.85
N PHE B 158 4.76 24.33 25.92
CA PHE B 158 3.92 24.10 27.10
C PHE B 158 4.63 24.47 28.41
N SER B 159 3.92 25.25 29.25
CA SER B 159 4.38 25.55 30.58
C SER B 159 3.41 24.91 31.57
N THR B 160 3.94 24.31 32.64
CA THR B 160 3.11 23.51 33.51
C THR B 160 3.62 23.47 34.96
N GLU B 161 2.73 23.77 35.89
CA GLU B 161 2.96 23.65 37.35
C GLU B 161 4.12 24.50 37.92
N ASN B 162 3.85 25.78 38.13
CA ASN B 162 4.80 26.73 38.68
C ASN B 162 4.30 27.43 39.95
N TYR B 163 3.07 27.12 40.35
CA TYR B 163 2.43 27.83 41.44
C TYR B 163 3.21 27.75 42.76
N TRP B 164 3.95 26.65 42.95
CA TRP B 164 4.68 26.44 44.23
C TRP B 164 6.09 27.01 44.19
N ILE B 165 6.48 27.53 43.03
CA ILE B 165 7.85 28.03 42.82
C ILE B 165 7.80 29.18 41.79
N TRP B 166 7.23 30.28 42.24
CA TRP B 166 6.87 31.36 41.33
C TRP B 166 8.11 32.22 41.03
N ALA B 167 8.88 31.79 40.02
CA ALA B 167 10.19 32.40 39.75
C ALA B 167 10.10 33.89 39.43
N ASN B 168 11.17 34.63 39.74
CA ASN B 168 11.23 36.11 39.59
C ASN B 168 10.94 36.65 38.19
N ASP B 169 11.18 35.83 37.18
CA ASP B 169 11.03 36.24 35.78
C ASP B 169 9.98 35.41 35.04
N ILE B 170 9.16 34.69 35.81
CA ILE B 170 8.14 33.82 35.19
C ILE B 170 7.22 34.58 34.19
N GLU B 171 6.81 35.82 34.50
CA GLU B 171 5.89 36.58 33.63
C GLU B 171 6.58 37.06 32.35
N ASN B 172 7.81 37.57 32.52
CA ASN B 172 8.72 37.92 31.42
C ASN B 172 8.97 36.77 30.46
N LYS B 173 9.24 35.58 31.00
CA LYS B 173 9.52 34.41 30.18
C LYS B 173 8.26 33.94 29.46
N ALA B 174 7.13 34.02 30.15
CA ALA B 174 5.81 33.65 29.57
C ALA B 174 5.49 34.53 28.36
N ALA B 175 5.70 35.83 28.50
CA ALA B 175 5.65 36.76 27.38
C ALA B 175 6.49 36.30 26.18
N ASP B 176 7.73 35.90 26.43
CA ASP B 176 8.61 35.48 25.36
C ASP B 176 8.17 34.19 24.69
N TYR B 177 7.61 33.24 25.45
CA TYR B 177 7.04 32.00 24.87
C TYR B 177 5.82 32.29 24.02
N LEU B 178 4.97 33.20 24.48
CA LEU B 178 3.79 33.55 23.72
C LEU B 178 4.18 34.29 22.42
N LYS B 179 5.15 35.19 22.51
CA LYS B 179 5.63 35.95 21.35
C LYS B 179 6.31 35.03 20.31
N VAL B 180 7.19 34.13 20.76
CA VAL B 180 7.85 33.22 19.81
C VAL B 180 6.83 32.27 19.16
N SER B 181 5.76 31.92 19.90
CA SER B 181 4.77 31.01 19.35
C SER B 181 3.95 31.73 18.29
N ALA B 182 3.50 32.94 18.60
CA ALA B 182 2.72 33.74 17.65
C ALA B 182 3.54 34.04 16.38
N LYS B 183 4.84 34.27 16.54
CA LYS B 183 5.74 34.59 15.41
C LYS B 183 5.79 33.45 14.43
N ASN B 184 5.54 32.24 14.92
CA ASN B 184 5.62 31.06 14.09
C ASN B 184 4.29 30.36 13.84
N GLY B 185 3.18 31.02 14.20
CA GLY B 185 1.86 30.36 14.12
C GLY B 185 1.63 29.16 15.04
N GLY B 186 2.48 28.99 16.06
CA GLY B 186 2.28 27.94 17.08
C GLY B 186 1.53 28.44 18.30
N TYR B 187 1.24 27.53 19.25
CA TYR B 187 0.48 27.89 20.47
C TYR B 187 1.37 27.83 21.71
N PHE B 188 1.24 28.83 22.57
CA PHE B 188 1.76 28.72 23.94
C PHE B 188 0.62 28.20 24.83
N ILE B 189 0.83 27.04 25.46
CA ILE B 189 -0.14 26.40 26.36
C ILE B 189 0.43 26.51 27.78
N TRP B 190 -0.38 27.01 28.74
CA TRP B 190 0.08 27.14 30.13
C TRP B 190 -0.98 26.53 31.04
N ALA B 191 -0.61 25.43 31.70
CA ALA B 191 -1.45 24.81 32.73
C ALA B 191 -0.97 25.25 34.13
N GLU B 192 -1.87 25.89 34.87
CA GLU B 192 -1.49 26.52 36.14
C GLU B 192 -2.70 26.47 37.06
N GLN B 193 -2.45 26.38 38.38
CA GLN B 193 -3.50 26.48 39.38
C GLN B 193 -3.34 27.75 40.23
N ASN B 194 -4.45 28.32 40.69
CA ASN B 194 -4.37 29.57 41.48
C ASN B 194 -3.83 29.44 42.93
N ASN B 195 -2.97 28.47 43.18
CA ASN B 195 -2.34 28.43 44.53
C ASN B 195 -1.48 29.65 44.65
N GLY B 196 -1.50 30.28 45.84
CA GLY B 196 -0.75 31.48 46.10
C GLY B 196 -0.99 32.57 45.06
N SER B 197 -2.23 32.68 44.57
CA SER B 197 -2.63 33.75 43.64
C SER B 197 -1.96 33.69 42.27
N ALA B 198 -1.52 32.49 41.86
CA ALA B 198 -0.68 32.39 40.63
C ALA B 198 -1.32 32.98 39.38
N ILE B 199 -2.62 32.74 39.17
CA ILE B 199 -3.29 33.28 37.94
C ILE B 199 -3.36 34.79 37.96
N GLU B 200 -3.68 35.35 39.14
CA GLU B 200 -3.69 36.80 39.36
C GLU B 200 -2.30 37.46 39.13
N LYS B 201 -1.25 36.87 39.71
CA LYS B 201 0.13 37.32 39.48
C LYS B 201 0.53 37.22 38.00
N ALA B 202 0.15 36.12 37.37
CA ALA B 202 0.45 35.91 35.92
C ALA B 202 0.05 37.10 35.04
N PHE B 203 -1.07 37.74 35.39
CA PHE B 203 -1.62 38.90 34.67
C PHE B 203 -1.26 40.28 35.25
N GLY B 204 -0.42 40.29 36.28
CA GLY B 204 0.16 41.55 36.77
C GLY B 204 -0.16 41.97 38.20
N LYS B 205 -0.91 41.17 38.97
CA LYS B 205 -1.30 41.54 40.35
C LYS B 205 -0.21 42.25 41.16
N ASN B 206 0.98 41.65 41.19
CA ASN B 206 2.08 42.20 41.99
C ASN B 206 3.05 43.05 41.17
N GLY B 207 2.59 43.54 40.02
CA GLY B 207 3.36 44.53 39.27
C GLY B 207 4.21 44.03 38.13
N LYS B 208 4.19 42.72 37.88
CA LYS B 208 4.94 42.16 36.75
C LYS B 208 3.99 42.03 35.57
N ILE B 209 4.01 43.04 34.71
CA ILE B 209 2.97 43.15 33.68
C ILE B 209 3.34 42.70 32.27
N ALA B 210 4.51 42.10 32.09
CA ALA B 210 4.97 41.70 30.74
C ALA B 210 4.00 40.73 30.05
N PHE B 211 3.47 39.76 30.79
CA PHE B 211 2.57 38.76 30.20
C PHE B 211 1.19 39.34 29.88
N GLN B 212 0.69 40.22 30.75
CA GLN B 212 -0.50 41.01 30.46
C GLN B 212 -0.36 41.76 29.11
N LYS B 213 0.74 42.49 28.96
CA LYS B 213 1.04 43.22 27.70
C LYS B 213 1.18 42.32 26.48
N SER B 214 1.75 41.14 26.68
CA SER B 214 1.95 40.19 25.59
C SER B 214 0.62 39.63 25.13
N VAL B 215 -0.25 39.33 26.11
CA VAL B 215 -1.60 38.79 25.85
C VAL B 215 -2.48 39.79 25.05
N ASP B 216 -2.39 41.08 25.40
CA ASP B 216 -3.04 42.17 24.63
C ASP B 216 -2.79 42.06 23.13
N LYS B 217 -1.58 41.66 22.77
CA LYS B 217 -1.18 41.50 21.38
C LYS B 217 -1.45 40.11 20.84
N TYR B 218 -1.11 39.09 21.62
CA TYR B 218 -0.97 37.73 21.08
C TYR B 218 -1.93 36.69 21.64
N TRP B 219 -3.02 37.14 22.25
CA TRP B 219 -3.98 36.23 22.89
C TRP B 219 -4.50 35.11 22.02
N LYS B 220 -4.59 35.36 20.70
CA LYS B 220 -5.02 34.34 19.76
C LYS B 220 -4.12 33.10 19.63
N ASN B 221 -2.90 33.17 20.13
CA ASN B 221 -2.00 32.01 20.15
C ASN B 221 -1.78 31.46 21.57
N LEU B 222 -2.57 31.92 22.55
CA LEU B 222 -2.49 31.42 23.92
C LEU B 222 -3.60 30.41 24.23
N ILE B 223 -3.25 29.28 24.88
CA ILE B 223 -4.22 28.36 25.51
C ILE B 223 -3.94 28.34 27.03
N PHE B 224 -4.96 28.63 27.83
CA PHE B 224 -4.77 28.61 29.30
C PHE B 224 -5.59 27.46 29.90
N MET B 225 -4.97 26.68 30.78
CA MET B 225 -5.61 25.49 31.36
C MET B 225 -5.48 25.50 32.89
N PHE B 226 -6.46 24.92 33.59
CA PHE B 226 -6.25 24.67 35.02
C PHE B 226 -5.30 23.50 35.18
N LYS B 227 -4.76 23.28 36.38
CA LYS B 227 -4.00 22.06 36.69
C LYS B 227 -4.41 21.65 38.09
N ASN B 228 -5.26 20.64 38.21
CA ASN B 228 -5.96 20.38 39.49
C ASN B 228 -5.19 19.55 40.54
N THR B 229 -3.91 19.32 40.25
CA THR B 229 -2.94 18.63 41.13
C THR B 229 -2.98 19.02 42.64
N PRO B 230 -2.87 20.34 42.96
CA PRO B 230 -2.71 20.70 44.39
C PRO B 230 -4.06 20.70 45.11
N ALA B 231 -4.73 19.55 45.15
CA ALA B 231 -6.13 19.49 45.59
C ALA B 231 -6.39 19.84 47.06
N ALA B 232 -5.36 19.72 47.89
CA ALA B 232 -5.53 20.08 49.32
C ALA B 232 -5.80 21.57 49.52
N GLU B 233 -5.32 22.39 48.58
CA GLU B 233 -5.59 23.83 48.65
C GLU B 233 -6.95 24.29 48.11
N GLY B 234 -7.73 23.39 47.52
CA GLY B 234 -9.11 23.69 47.06
C GLY B 234 -9.34 24.84 46.07
N ASN B 235 -8.35 25.12 45.21
CA ASN B 235 -8.47 26.14 44.20
C ASN B 235 -9.09 25.67 42.87
N ASP B 236 -9.76 24.53 42.89
CA ASP B 236 -10.36 24.00 41.65
C ASP B 236 -11.39 24.91 41.00
N SER B 237 -12.38 25.34 41.77
CA SER B 237 -13.53 26.09 41.26
C SER B 237 -13.09 27.51 40.84
N THR B 238 -12.16 28.09 41.58
CA THR B 238 -11.75 29.44 41.36
C THR B 238 -10.84 29.52 40.16
N THR B 239 -9.94 28.54 40.02
CA THR B 239 -9.10 28.48 38.83
C THR B 239 -9.93 28.21 37.58
N GLU B 240 -10.87 27.28 37.69
CA GLU B 240 -11.71 26.99 36.52
C GLU B 240 -12.55 28.22 36.14
N SER B 241 -13.12 28.90 37.15
CA SER B 241 -13.78 30.20 36.92
C SER B 241 -12.92 31.22 36.15
N TYR B 242 -11.66 31.38 36.56
CA TYR B 242 -10.74 32.28 35.84
C TYR B 242 -10.46 31.86 34.40
N MET B 243 -10.21 30.56 34.15
CA MET B 243 -9.92 30.08 32.81
C MET B 243 -11.09 30.42 31.89
N LYS B 244 -12.30 30.15 32.38
CA LYS B 244 -13.52 30.46 31.61
C LYS B 244 -13.66 31.98 31.32
N GLY B 245 -13.47 32.81 32.37
CA GLY B 245 -13.58 34.26 32.23
C GLY B 245 -12.49 34.87 31.35
N LEU B 246 -11.26 34.37 31.47
CA LEU B 246 -10.18 34.81 30.58
C LEU B 246 -10.52 34.55 29.09
N TRP B 247 -11.10 33.39 28.82
CA TRP B 247 -11.50 33.01 27.45
C TRP B 247 -12.62 33.95 26.96
N LEU B 248 -13.67 34.10 27.78
CA LEU B 248 -14.84 34.91 27.42
C LEU B 248 -14.47 36.37 27.17
N SER B 249 -13.40 36.84 27.81
CA SER B 249 -12.95 38.23 27.72
C SER B 249 -11.78 38.45 26.77
N ASN B 250 -11.49 37.44 25.95
CA ASN B 250 -10.43 37.50 24.95
C ASN B 250 -9.01 37.69 25.53
N HIS B 251 -8.78 37.11 26.71
CA HIS B 251 -7.45 37.03 27.29
C HIS B 251 -6.79 35.67 27.01
N THR B 252 -7.51 34.75 26.38
CA THR B 252 -6.89 33.51 25.89
C THR B 252 -7.77 33.04 24.73
N TYR B 253 -7.18 32.31 23.78
CA TYR B 253 -7.89 31.91 22.56
C TYR B 253 -8.88 30.81 22.86
N GLN B 254 -8.41 29.82 23.62
CA GLN B 254 -9.25 28.76 24.19
C GLN B 254 -8.72 28.41 25.59
N TRP B 255 -9.45 27.55 26.29
CA TRP B 255 -9.06 27.13 27.63
C TRP B 255 -9.29 25.63 27.77
N GLY B 256 -8.73 25.05 28.83
CA GLY B 256 -8.99 23.65 29.17
C GLY B 256 -8.52 23.32 30.56
N GLY B 257 -8.26 22.04 30.81
CA GLY B 257 -7.85 21.61 32.14
C GLY B 257 -6.93 20.42 32.05
N LEU B 258 -5.98 20.36 32.96
CA LEU B 258 -5.21 19.13 33.14
C LEU B 258 -5.76 18.54 34.45
N MET B 259 -6.31 17.33 34.34
CA MET B 259 -6.93 16.61 35.45
C MET B 259 -5.96 15.57 35.95
N ASP B 260 -5.70 15.54 37.25
CA ASP B 260 -4.54 14.78 37.72
C ASP B 260 -4.94 13.84 38.86
N THR B 261 -4.70 12.53 38.67
CA THR B 261 -5.03 11.52 39.70
C THR B 261 -4.12 11.63 40.96
N TRP B 262 -3.03 12.40 40.86
CA TRP B 262 -2.22 12.74 42.04
C TRP B 262 -3.01 13.57 43.06
N LYS B 263 -4.24 14.05 42.71
CA LYS B 263 -5.10 14.73 43.70
C LYS B 263 -5.43 13.82 44.86
N TRP B 264 -5.52 12.51 44.61
CA TRP B 264 -5.80 11.51 45.66
C TRP B 264 -4.62 11.46 46.69
N TYR B 265 -3.41 11.69 46.21
CA TYR B 265 -2.20 11.79 47.12
C TYR B 265 -2.18 13.09 47.94
N GLU B 266 -2.27 14.20 47.23
CA GLU B 266 -2.31 15.55 47.81
C GLU B 266 -3.36 15.70 48.90
N THR B 267 -4.51 15.05 48.74
CA THR B 267 -5.56 15.09 49.80
C THR B 267 -5.50 13.95 50.83
N GLY B 268 -4.54 13.05 50.71
CA GLY B 268 -4.30 12.03 51.74
C GLY B 268 -5.31 10.91 51.83
N LYS B 269 -5.98 10.65 50.70
CA LYS B 269 -6.93 9.53 50.59
C LYS B 269 -6.23 8.18 50.40
N TRP B 270 -6.93 7.10 50.73
CA TRP B 270 -6.37 5.77 50.54
C TRP B 270 -7.43 4.84 49.90
N LYS B 271 -7.73 3.69 50.50
CA LYS B 271 -8.71 2.76 49.96
C LYS B 271 -10.07 3.46 49.70
N LEU B 272 -10.70 3.18 48.56
CA LEU B 272 -11.97 3.83 48.21
C LEU B 272 -12.99 3.66 49.34
N PHE B 273 -13.62 4.76 49.72
CA PHE B 273 -14.66 4.81 50.76
C PHE B 273 -14.19 4.55 52.20
N ALA B 274 -12.88 4.32 52.40
CA ALA B 274 -12.36 4.06 53.74
C ALA B 274 -12.33 5.32 54.63
N SER B 275 -12.26 5.08 55.94
CA SER B 275 -12.17 6.13 56.93
C SER B 275 -10.71 6.46 57.22
N GLY B 276 -10.44 7.72 57.57
CA GLY B 276 -9.09 8.11 57.98
C GLY B 276 -8.27 8.68 56.82
N ASN B 277 -7.38 9.60 57.16
CA ASN B 277 -6.53 10.29 56.21
C ASN B 277 -5.07 9.85 56.43
N ILE B 278 -4.35 9.51 55.36
CA ILE B 278 -2.96 9.02 55.52
C ILE B 278 -1.94 10.08 55.11
N GLY B 279 -2.43 11.25 54.73
CA GLY B 279 -1.54 12.30 54.22
C GLY B 279 -0.81 11.92 52.93
N LYS B 280 0.32 12.59 52.69
CA LYS B 280 1.05 12.45 51.43
C LYS B 280 2.13 11.38 51.60
N SER B 281 1.71 10.14 51.80
CA SER B 281 2.60 9.09 52.38
C SER B 281 2.73 7.85 51.50
N GLN B 282 1.88 7.73 50.49
CA GLN B 282 1.78 6.52 49.68
C GLN B 282 1.54 6.89 48.23
N GLY B 283 2.34 7.82 47.74
CA GLY B 283 2.16 8.43 46.40
C GLY B 283 1.76 7.47 45.28
N ASP B 284 2.52 6.41 45.12
CA ASP B 284 2.34 5.53 43.98
C ASP B 284 1.10 4.63 44.02
N ARG B 285 0.67 4.24 45.21
CA ARG B 285 -0.64 3.60 45.41
C ARG B 285 -1.74 4.64 45.20
N GLN B 286 -1.46 5.86 45.65
CA GLN B 286 -2.47 6.90 45.72
C GLN B 286 -2.91 7.41 44.36
N TRP B 287 -1.96 7.65 43.45
CA TRP B 287 -2.41 8.09 42.11
C TRP B 287 -3.09 7.01 41.29
N LEU B 288 -3.06 5.75 41.76
CA LEU B 288 -3.76 4.67 41.05
C LEU B 288 -5.23 4.55 41.45
N THR B 289 -5.59 5.14 42.59
CA THR B 289 -6.86 4.81 43.24
C THR B 289 -8.10 5.58 42.75
N GLU B 290 -7.95 6.81 42.25
CA GLU B 290 -9.13 7.58 41.80
C GLU B 290 -10.00 6.78 40.82
N PRO B 291 -11.32 6.66 41.09
CA PRO B 291 -12.23 5.95 40.18
C PRO B 291 -12.12 6.47 38.75
N GLU B 292 -12.02 5.54 37.80
CA GLU B 292 -11.84 5.85 36.38
C GLU B 292 -12.88 6.86 35.85
N SER B 293 -14.16 6.56 36.11
CA SER B 293 -15.24 7.41 35.61
C SER B 293 -15.24 8.82 36.22
N MET B 294 -14.59 8.97 37.39
CA MET B 294 -14.47 10.30 37.99
C MET B 294 -13.67 11.28 37.10
N LEU B 295 -12.68 10.78 36.35
CA LEU B 295 -12.01 11.64 35.37
C LEU B 295 -12.96 12.24 34.32
N GLY B 296 -13.99 11.47 33.93
CA GLY B 296 -15.04 11.94 33.00
C GLY B 296 -15.91 13.02 33.61
N GLU B 297 -16.20 12.87 34.90
CA GLU B 297 -16.91 13.92 35.67
C GLU B 297 -16.12 15.24 35.78
N GLU B 298 -14.82 15.15 36.02
CA GLU B 298 -13.94 16.34 35.93
C GLU B 298 -13.93 16.96 34.51
N ALA B 299 -13.74 16.14 33.50
CA ALA B 299 -13.66 16.61 32.11
C ALA B 299 -14.98 17.24 31.64
N LEU B 300 -16.12 16.78 32.19
CA LEU B 300 -17.39 17.42 31.90
C LEU B 300 -17.42 18.89 32.33
N GLY B 301 -16.70 19.25 33.39
CA GLY B 301 -16.64 20.65 33.81
C GLY B 301 -15.96 21.53 32.77
N VAL B 302 -14.98 20.99 32.07
CA VAL B 302 -14.36 21.67 30.92
C VAL B 302 -15.37 21.80 29.73
N TYR B 303 -15.86 20.66 29.25
CA TYR B 303 -16.83 20.60 28.11
C TYR B 303 -18.05 21.53 28.27
N LEU B 304 -18.73 21.44 29.40
CA LEU B 304 -20.00 22.12 29.61
C LEU B 304 -19.85 23.63 29.71
N ASN B 305 -18.61 24.08 29.83
CA ASN B 305 -18.33 25.49 30.00
C ASN B 305 -17.52 26.11 28.86
N GLY B 306 -17.39 25.34 27.77
CA GLY B 306 -16.84 25.83 26.50
C GLY B 306 -15.37 25.54 26.34
N GLY B 307 -14.81 24.73 27.27
CA GLY B 307 -13.38 24.35 27.19
C GLY B 307 -13.16 23.27 26.14
N VAL B 308 -11.96 23.24 25.56
CA VAL B 308 -11.67 22.36 24.41
C VAL B 308 -10.32 21.62 24.49
N VAL B 309 -9.59 21.84 25.58
CA VAL B 309 -8.28 21.24 25.67
C VAL B 309 -8.21 20.38 26.92
N TYR B 310 -7.67 19.17 26.75
CA TYR B 310 -7.68 18.14 27.77
C TYR B 310 -6.27 17.56 27.91
N ASN B 311 -5.84 17.34 29.16
CA ASN B 311 -4.56 16.68 29.46
C ASN B 311 -4.76 15.98 30.83
N PHE B 312 -4.04 14.88 31.04
CA PHE B 312 -4.12 14.09 32.28
C PHE B 312 -2.75 13.67 32.87
N GLU B 313 -2.73 13.46 34.19
CA GLU B 313 -1.66 12.76 34.89
C GLU B 313 -2.38 11.88 35.92
N HIS B 314 -1.75 10.82 36.45
CA HIS B 314 -0.44 10.28 36.03
C HIS B 314 -0.59 9.57 34.66
N PRO B 315 0.35 9.79 33.71
CA PRO B 315 0.21 9.17 32.36
C PRO B 315 0.08 7.64 32.29
N ALA B 316 0.73 6.89 33.20
CA ALA B 316 0.67 5.41 33.10
C ALA B 316 -0.74 4.85 33.34
N TYR B 317 -1.45 5.46 34.29
CA TYR B 317 -2.85 5.15 34.56
C TYR B 317 -3.83 5.78 33.56
N THR B 318 -3.68 7.07 33.30
CA THR B 318 -4.67 7.80 32.49
C THR B 318 -4.59 7.52 30.97
N TYR B 319 -3.43 7.08 30.47
CA TYR B 319 -3.28 6.82 29.02
C TYR B 319 -2.89 5.36 28.80
N GLY B 320 -1.86 4.92 29.52
CA GLY B 320 -1.37 3.56 29.40
C GLY B 320 0.14 3.46 29.40
N VAL B 321 0.61 2.25 29.05
CA VAL B 321 2.04 1.92 29.06
C VAL B 321 2.32 0.99 27.86
N ASN B 322 3.58 0.93 27.44
CA ASN B 322 4.04 -0.01 26.39
C ASN B 322 3.21 0.12 25.09
N ASN B 323 2.88 1.35 24.73
CA ASN B 323 2.07 1.65 23.54
C ASN B 323 0.68 1.00 23.55
N LYS B 324 0.20 0.64 24.75
CA LYS B 324 -1.16 0.10 24.93
C LYS B 324 -2.05 1.08 25.70
N GLU B 325 -3.33 1.11 25.37
CA GLU B 325 -4.29 1.93 26.11
C GLU B 325 -4.67 1.28 27.45
N SER B 326 -4.59 2.05 28.54
CA SER B 326 -5.13 1.61 29.83
C SER B 326 -6.66 1.58 29.72
N LEU B 327 -7.33 0.80 30.56
CA LEU B 327 -8.81 0.78 30.55
C LEU B 327 -9.45 2.11 30.90
N LEU B 328 -8.82 2.90 31.77
CA LEU B 328 -9.25 4.30 32.00
C LEU B 328 -9.30 5.05 30.65
N PHE B 329 -8.22 4.96 29.88
CA PHE B 329 -8.18 5.67 28.60
C PHE B 329 -9.27 5.14 27.67
N SER B 330 -9.31 3.81 27.50
CA SER B 330 -10.13 3.20 26.45
C SER B 330 -11.62 3.31 26.76
N GLU B 331 -11.99 3.17 28.05
CA GLU B 331 -13.39 3.09 28.46
C GLU B 331 -14.01 4.42 28.92
N VAL B 332 -13.16 5.36 29.32
CA VAL B 332 -13.62 6.66 29.81
C VAL B 332 -13.11 7.80 28.93
N ILE B 333 -11.79 8.01 28.88
CA ILE B 333 -11.25 9.23 28.27
C ILE B 333 -11.46 9.26 26.74
N LYS B 334 -11.24 8.11 26.10
CA LYS B 334 -11.42 8.00 24.64
C LYS B 334 -12.88 8.18 24.20
N GLU B 335 -13.79 7.49 24.91
CA GLU B 335 -15.23 7.63 24.66
C GLU B 335 -15.78 9.05 24.96
N PHE B 336 -15.29 9.67 26.04
CA PHE B 336 -15.54 11.09 26.32
C PHE B 336 -15.05 12.03 25.19
N PHE B 337 -13.80 11.85 24.76
CA PHE B 337 -13.20 12.72 23.75
C PHE B 337 -13.94 12.57 22.39
N ARG B 338 -14.31 11.33 22.06
CA ARG B 338 -15.14 11.06 20.89
C ARG B 338 -16.47 11.80 20.97
N TYR B 339 -17.07 11.85 22.17
CA TYR B 339 -18.34 12.56 22.39
C TYR B 339 -18.15 14.04 22.07
N VAL B 340 -17.06 14.65 22.57
CA VAL B 340 -16.89 16.10 22.41
C VAL B 340 -16.45 16.52 20.99
N ILE B 341 -15.92 15.59 20.19
CA ILE B 341 -15.69 15.79 18.74
C ILE B 341 -17.06 15.74 17.99
N ALA B 342 -17.89 14.76 18.33
CA ALA B 342 -19.20 14.57 17.70
C ALA B 342 -20.21 15.65 18.09
N HIS B 343 -20.06 16.17 19.31
CA HIS B 343 -20.96 17.20 19.81
C HIS B 343 -20.09 18.36 20.26
N PRO B 344 -19.63 19.19 19.30
CA PRO B 344 -18.71 20.28 19.71
C PRO B 344 -19.22 21.06 20.93
N ALA B 345 -18.32 21.37 21.86
CA ALA B 345 -18.63 22.19 23.03
C ALA B 345 -19.35 23.49 22.65
N PRO B 346 -20.10 24.07 23.61
CA PRO B 346 -20.76 25.34 23.26
C PRO B 346 -19.72 26.39 22.87
N SER B 347 -20.03 27.16 21.83
CA SER B 347 -19.16 28.22 21.37
C SER B 347 -19.09 29.37 22.37
N LYS B 348 -18.09 30.24 22.18
CA LYS B 348 -17.93 31.44 23.00
C LYS B 348 -19.23 32.23 22.99
N GLU B 349 -19.79 32.43 21.79
CA GLU B 349 -21.07 33.14 21.67
C GLU B 349 -22.17 32.49 22.51
N LYS B 350 -22.38 31.19 22.35
CA LYS B 350 -23.37 30.51 23.15
C LYS B 350 -23.10 30.72 24.65
N VAL B 351 -21.89 30.38 25.10
CA VAL B 351 -21.52 30.57 26.53
C VAL B 351 -21.79 32.03 26.97
N LEU B 352 -21.42 33.00 26.15
CA LEU B 352 -21.69 34.43 26.43
C LEU B 352 -23.16 34.71 26.55
N GLU B 353 -23.94 34.31 25.53
CA GLU B 353 -25.41 34.42 25.59
C GLU B 353 -25.98 33.87 26.89
N ASP B 354 -25.40 32.77 27.40
CA ASP B 354 -25.92 32.08 28.62
C ASP B 354 -25.37 32.61 29.99
N THR B 355 -24.42 33.53 29.95
CA THR B 355 -23.78 34.02 31.17
C THR B 355 -24.61 35.17 31.70
N LYS B 356 -25.05 35.08 32.95
CA LYS B 356 -25.83 36.14 33.60
C LYS B 356 -25.01 37.03 34.55
N VAL B 357 -23.91 36.47 35.09
CA VAL B 357 -23.04 37.17 36.06
C VAL B 357 -21.60 36.91 35.61
N PHE B 358 -20.76 37.95 35.69
CA PHE B 358 -19.33 37.85 35.38
C PHE B 358 -18.58 38.58 36.50
N ILE B 359 -17.73 37.83 37.24
CA ILE B 359 -17.06 38.36 38.43
C ILE B 359 -15.75 39.08 38.06
N HIS B 360 -15.52 40.26 38.65
CA HIS B 360 -14.23 40.96 38.50
C HIS B 360 -13.53 41.05 39.86
N GLY B 361 -12.35 40.47 39.99
CA GLY B 361 -11.65 40.52 41.25
C GLY B 361 -10.88 39.27 41.60
N ASP B 362 -10.19 39.33 42.74
CA ASP B 362 -9.29 38.29 43.20
C ASP B 362 -9.94 37.35 44.22
N TYR B 363 -10.09 36.08 43.83
CA TYR B 363 -10.55 35.02 44.73
C TYR B 363 -9.63 34.85 45.95
N SER B 364 -8.35 35.23 45.77
CA SER B 364 -7.34 35.11 46.84
C SER B 364 -7.66 36.03 48.01
N ASN B 365 -8.51 37.02 47.73
CA ASN B 365 -8.98 38.00 48.72
C ASN B 365 -10.37 37.66 49.28
N LYS B 366 -10.97 36.54 48.84
CA LYS B 366 -12.32 36.16 49.28
C LYS B 366 -12.45 34.67 49.62
N GLY B 367 -11.39 34.08 50.18
CA GLY B 367 -11.43 32.73 50.70
C GLY B 367 -11.11 31.59 49.72
N ASN B 368 -10.66 31.95 48.51
CA ASN B 368 -10.31 30.92 47.51
C ASN B 368 -11.49 29.93 47.33
N GLY B 369 -11.25 28.62 47.43
CA GLY B 369 -12.35 27.64 47.21
C GLY B 369 -13.57 27.74 48.14
N LYS B 370 -13.37 28.29 49.35
CA LYS B 370 -14.53 28.61 50.23
C LYS B 370 -15.60 29.47 49.57
N PHE B 371 -15.21 30.24 48.56
CA PHE B 371 -16.12 31.17 47.87
C PHE B 371 -17.32 30.46 47.26
N PHE B 372 -17.10 29.25 46.74
CA PHE B 372 -18.15 28.47 46.12
C PHE B 372 -18.73 27.34 46.96
N VAL B 373 -18.11 27.03 48.10
CA VAL B 373 -18.63 25.95 48.98
C VAL B 373 -20.05 26.32 49.44
N ASN B 374 -20.96 25.34 49.37
CA ASN B 374 -22.41 25.56 49.59
C ASN B 374 -23.10 26.52 48.61
N VAL B 375 -22.39 26.94 47.56
CA VAL B 375 -22.99 27.65 46.40
C VAL B 375 -23.09 26.61 45.27
N ASN B 376 -21.98 26.19 44.70
CA ASN B 376 -22.03 25.06 43.79
C ASN B 376 -20.98 23.98 43.99
N THR B 377 -20.25 24.02 45.10
CA THR B 377 -19.37 22.89 45.48
C THR B 377 -19.76 22.39 46.88
N ASP B 378 -19.58 21.10 47.12
CA ASP B 378 -20.02 20.52 48.41
C ASP B 378 -18.95 20.51 49.49
N ARG B 379 -17.72 20.87 49.10
CA ARG B 379 -16.55 20.85 50.02
C ARG B 379 -15.43 21.67 49.41
N GLU B 380 -14.42 22.02 50.20
CA GLU B 380 -13.32 22.80 49.66
C GLU B 380 -12.43 21.99 48.74
N GLN B 381 -12.25 20.70 49.07
CA GLN B 381 -11.37 19.84 48.30
C GLN B 381 -12.10 18.91 47.34
N THR B 382 -12.53 19.45 46.21
CA THR B 382 -13.22 18.66 45.19
C THR B 382 -13.00 19.30 43.81
N PRO B 383 -12.90 18.46 42.78
CA PRO B 383 -12.87 18.86 41.36
C PRO B 383 -14.26 18.81 40.70
N LEU B 384 -15.29 18.53 41.50
CA LEU B 384 -16.69 18.37 41.03
C LEU B 384 -17.58 19.50 41.53
N TYR B 385 -18.78 19.60 40.95
CA TYR B 385 -19.83 20.51 41.35
C TYR B 385 -21.05 19.75 41.86
N MET B 386 -21.82 20.40 42.73
CA MET B 386 -22.99 19.78 43.34
C MET B 386 -24.26 20.29 42.67
N THR B 387 -24.15 21.38 41.92
CA THR B 387 -25.28 21.84 41.09
C THR B 387 -24.78 22.46 39.79
N GLY B 388 -25.57 22.30 38.72
CA GLY B 388 -25.28 22.96 37.43
C GLY B 388 -26.08 24.24 37.21
N ARG B 389 -26.80 24.67 38.24
CA ARG B 389 -27.74 25.80 38.13
C ARG B 389 -27.06 27.10 37.65
N TYR B 390 -25.82 27.33 38.08
CA TYR B 390 -25.11 28.53 37.72
C TYR B 390 -24.06 28.22 36.68
N ASN B 391 -24.07 26.97 36.19
CA ASN B 391 -22.89 26.31 35.59
C ASN B 391 -21.57 26.73 36.29
N VAL B 392 -20.57 27.21 35.54
CA VAL B 392 -19.37 27.82 36.17
C VAL B 392 -19.48 29.34 35.97
N ILE B 393 -19.50 30.08 37.06
CA ILE B 393 -19.53 31.53 37.00
C ILE B 393 -18.13 32.05 36.59
N PRO B 394 -18.05 32.73 35.43
CA PRO B 394 -16.75 33.22 34.93
C PRO B 394 -16.24 34.42 35.73
N ALA B 395 -14.92 34.53 35.83
CA ALA B 395 -14.28 35.65 36.50
C ALA B 395 -12.95 35.98 35.84
N ILE B 396 -12.47 37.21 36.02
CA ILE B 396 -11.06 37.53 35.73
C ILE B 396 -10.48 38.21 36.98
N PRO B 397 -9.14 38.09 37.16
CA PRO B 397 -8.48 38.78 38.28
C PRO B 397 -8.70 40.30 38.26
N GLY B 398 -8.65 40.93 39.44
CA GLY B 398 -8.83 42.38 39.55
C GLY B 398 -7.84 43.22 38.75
N VAL B 399 -6.65 42.68 38.51
CA VAL B 399 -5.62 43.39 37.75
C VAL B 399 -6.06 43.66 36.30
N LEU B 400 -6.97 42.84 35.77
CA LEU B 400 -7.43 43.07 34.37
C LEU B 400 -8.68 43.95 34.29
N LYS B 401 -8.95 44.48 33.09
CA LYS B 401 -10.25 45.13 32.68
C LYS B 401 -11.10 44.06 31.96
N THR B 402 -12.42 43.88 32.11
CA THR B 402 -13.59 44.76 31.88
C THR B 402 -13.75 45.23 30.43
N ILE B 414 -25.68 40.71 30.60
CA ILE B 414 -24.66 40.24 31.55
C ILE B 414 -24.30 41.30 32.58
N GLN B 415 -24.44 40.93 33.85
CA GLN B 415 -24.05 41.77 34.96
C GLN B 415 -22.56 41.57 35.26
N ILE B 416 -21.76 42.61 35.09
CA ILE B 416 -20.38 42.55 35.56
C ILE B 416 -20.35 43.07 37.00
N LYS B 417 -19.86 42.22 37.91
CA LYS B 417 -19.90 42.48 39.35
C LYS B 417 -18.52 42.34 39.99
N GLU B 418 -18.12 43.36 40.76
CA GLU B 418 -16.91 43.31 41.56
C GLU B 418 -17.01 42.21 42.61
N ILE B 419 -15.91 41.48 42.86
CA ILE B 419 -15.92 40.40 43.86
C ILE B 419 -16.13 40.96 45.26
N THR B 420 -15.82 42.24 45.41
CA THR B 420 -15.95 42.98 46.69
C THR B 420 -17.33 43.63 46.94
N SER B 421 -18.24 43.51 45.96
CA SER B 421 -19.59 44.05 46.10
C SER B 421 -20.36 43.31 47.21
N PRO B 422 -21.41 43.95 47.74
CA PRO B 422 -22.14 43.31 48.84
C PRO B 422 -22.88 42.06 48.41
N GLU B 423 -23.16 41.90 47.11
CA GLU B 423 -23.85 40.70 46.63
C GLU B 423 -22.98 39.45 46.74
N PHE B 424 -21.66 39.62 46.73
CA PHE B 424 -20.74 38.49 46.83
C PHE B 424 -20.07 38.35 48.20
N SER B 425 -20.61 39.05 49.20
CA SER B 425 -19.96 39.21 50.51
C SER B 425 -19.96 37.96 51.37
N SER B 426 -20.97 37.11 51.23
CA SER B 426 -21.07 35.89 52.01
C SER B 426 -21.73 34.79 51.16
N THR B 427 -21.70 33.57 51.67
CA THR B 427 -22.39 32.44 51.07
C THR B 427 -23.88 32.74 50.85
N GLN B 428 -24.54 33.26 51.88
CA GLN B 428 -25.97 33.58 51.81
C GLN B 428 -26.23 34.65 50.76
N ALA B 429 -25.47 35.73 50.82
CA ALA B 429 -25.68 36.82 49.89
C ALA B 429 -25.46 36.35 48.44
N ARG B 430 -24.48 35.47 48.23
CA ARG B 430 -24.16 34.96 46.88
C ARG B 430 -25.29 34.16 46.27
N LYS B 431 -25.83 33.22 47.05
CA LYS B 431 -26.96 32.41 46.59
C LYS B 431 -28.18 33.27 46.32
N GLU B 432 -28.47 34.21 47.22
CA GLU B 432 -29.58 35.14 47.03
C GLU B 432 -29.47 35.92 45.74
N TYR B 433 -28.31 36.54 45.48
CA TYR B 433 -28.12 37.29 44.24
C TYR B 433 -28.23 36.35 43.02
N LEU B 434 -27.49 35.25 43.04
CA LEU B 434 -27.41 34.36 41.87
C LEU B 434 -28.74 33.70 41.56
N ASN B 435 -29.50 33.36 42.60
CA ASN B 435 -30.77 32.65 42.49
C ASN B 435 -31.85 33.44 41.73
N LYS B 436 -31.76 34.76 41.72
CA LYS B 436 -32.71 35.58 40.97
C LYS B 436 -32.33 35.70 39.49
N LEU B 437 -31.07 35.38 39.17
CA LEU B 437 -30.64 35.48 37.79
C LEU B 437 -30.54 34.13 37.09
N TYR B 438 -30.32 33.07 37.88
CA TYR B 438 -30.30 31.69 37.40
C TYR B 438 -31.44 30.91 38.07
N PRO B 439 -32.50 30.60 37.31
CA PRO B 439 -33.60 29.88 37.95
C PRO B 439 -33.29 28.41 38.20
N MET B 440 -33.94 27.85 39.19
CA MET B 440 -33.86 26.41 39.46
C MET B 440 -34.48 25.68 38.26
N ASN B 441 -33.73 24.78 37.62
CA ASN B 441 -34.20 24.12 36.39
C ASN B 441 -34.22 22.59 36.52
N TYR B 442 -34.09 22.13 37.76
CA TYR B 442 -34.28 20.71 38.07
C TYR B 442 -34.41 20.53 39.55
N GLU B 443 -34.83 19.33 39.93
CA GLU B 443 -35.04 19.00 41.31
C GLU B 443 -34.08 17.87 41.71
N GLY B 444 -33.68 17.85 42.98
CA GLY B 444 -32.91 16.75 43.53
C GLY B 444 -31.48 17.12 43.90
N ASP B 445 -30.92 16.34 44.82
CA ASP B 445 -29.56 16.55 45.33
C ASP B 445 -28.59 15.69 44.50
N ILE B 446 -28.15 16.28 43.39
CA ILE B 446 -27.31 15.61 42.37
C ILE B 446 -26.85 16.74 41.43
N PHE B 447 -25.72 16.56 40.74
CA PHE B 447 -25.30 17.51 39.72
C PHE B 447 -26.07 17.26 38.41
N ALA B 448 -26.65 18.31 37.86
CA ALA B 448 -27.21 18.28 36.53
C ALA B 448 -27.05 19.62 35.85
N GLN B 449 -26.81 19.57 34.56
CA GLN B 449 -26.78 20.74 33.71
C GLN B 449 -27.40 20.40 32.35
N LYS B 450 -28.22 21.33 31.85
CA LYS B 450 -28.87 21.19 30.53
C LYS B 450 -28.21 22.07 29.46
N LEU B 451 -27.94 21.48 28.30
CA LEU B 451 -27.48 22.19 27.08
C LEU B 451 -28.42 21.72 25.95
N ASP B 452 -29.07 22.67 25.29
CA ASP B 452 -30.07 22.37 24.25
C ASP B 452 -31.03 21.23 24.65
N ASN B 453 -31.06 20.12 23.92
CA ASN B 453 -31.94 18.97 24.23
C ASN B 453 -31.28 17.88 25.10
N ARG B 454 -30.17 18.23 25.73
CA ARG B 454 -29.40 17.25 26.52
C ARG B 454 -29.29 17.62 28.00
N TRP B 455 -29.71 16.69 28.88
CA TRP B 455 -29.35 16.71 30.29
C TRP B 455 -28.05 15.92 30.56
N PHE B 456 -27.14 16.59 31.25
CA PHE B 456 -25.85 15.97 31.72
C PHE B 456 -26.00 15.84 33.21
N VAL B 457 -25.76 14.65 33.74
CA VAL B 457 -26.02 14.39 35.16
C VAL B 457 -24.85 13.60 35.75
N TYR B 458 -24.44 13.94 36.97
CA TYR B 458 -23.54 13.05 37.73
C TYR B 458 -23.73 13.06 39.24
N ASN B 459 -23.39 11.94 39.87
CA ASN B 459 -23.31 11.87 41.31
C ASN B 459 -22.02 12.58 41.71
N TYR B 460 -22.14 13.61 42.55
CA TYR B 460 -20.98 14.44 42.93
C TYR B 460 -20.16 13.96 44.14
N LYS B 461 -20.53 12.84 44.77
CA LYS B 461 -19.74 12.32 45.91
C LYS B 461 -18.35 11.91 45.45
N VAL B 462 -17.32 12.28 46.22
CA VAL B 462 -15.94 11.97 45.84
C VAL B 462 -15.52 10.62 46.41
N ASN B 463 -15.69 10.47 47.72
CA ASN B 463 -15.13 9.31 48.44
C ASN B 463 -16.10 8.82 49.53
N GLU B 464 -17.41 8.92 49.24
CA GLU B 464 -18.50 8.53 50.16
C GLU B 464 -19.52 7.72 49.36
N ASN B 465 -19.86 6.53 49.86
CA ASN B 465 -20.70 5.60 49.11
C ASN B 465 -22.19 5.91 49.31
N VAL B 466 -22.64 6.97 48.63
CA VAL B 466 -23.98 7.52 48.77
C VAL B 466 -24.65 7.68 47.37
N LYS B 467 -25.81 7.05 47.15
CA LYS B 467 -26.66 7.22 45.97
C LYS B 467 -27.27 8.61 45.89
N GLN B 468 -27.42 9.13 44.67
CA GLN B 468 -28.12 10.40 44.46
C GLN B 468 -29.25 10.29 43.44
N THR B 469 -30.23 11.19 43.59
CA THR B 469 -31.42 11.20 42.74
C THR B 469 -31.76 12.59 42.29
N GLY B 470 -32.32 12.67 41.09
CA GLY B 470 -32.78 13.91 40.50
C GLY B 470 -33.96 13.70 39.57
N LYS B 471 -34.74 14.78 39.39
CA LYS B 471 -35.85 14.79 38.46
C LYS B 471 -35.56 15.86 37.42
N LEU B 472 -35.42 15.43 36.16
CA LEU B 472 -35.11 16.31 35.02
C LEU B 472 -36.28 16.34 34.02
N LYS B 473 -36.49 17.47 33.37
CA LYS B 473 -37.58 17.61 32.36
C LYS B 473 -37.12 18.00 30.96
N PHE B 474 -37.76 17.41 29.95
CA PHE B 474 -37.64 17.85 28.55
C PHE B 474 -39.07 18.28 28.09
N ASN B 475 -39.46 19.54 28.26
CA ASN B 475 -40.91 19.91 28.17
C ASN B 475 -41.46 18.81 29.06
N SER B 476 -42.15 17.78 28.57
CA SER B 476 -43.53 17.51 28.88
C SER B 476 -43.10 16.14 29.56
N LEU B 477 -42.06 15.51 28.95
CA LEU B 477 -41.40 14.29 29.46
C LEU B 477 -40.54 14.48 30.72
N GLU B 478 -40.80 13.63 31.70
CA GLU B 478 -40.18 13.72 33.03
C GLU B 478 -39.25 12.53 33.18
N MET B 479 -37.99 12.80 33.56
CA MET B 479 -36.99 11.73 33.75
C MET B 479 -36.43 11.75 35.16
N ASN B 480 -36.69 10.69 35.92
CA ASN B 480 -36.13 10.57 37.25
C ASN B 480 -34.99 9.59 37.15
N VAL B 481 -33.86 9.91 37.79
CA VAL B 481 -32.66 9.04 37.75
C VAL B 481 -32.15 8.70 39.17
N GLU B 482 -31.55 7.51 39.32
CA GLU B 482 -30.82 7.16 40.56
C GLU B 482 -29.43 6.63 40.21
N PHE B 483 -28.40 7.36 40.68
CA PHE B 483 -26.99 7.17 40.35
C PHE B 483 -26.14 6.84 41.60
N GLU B 484 -25.37 5.77 41.54
CA GLU B 484 -24.32 5.51 42.54
C GLU B 484 -23.18 6.54 42.32
N PRO B 485 -22.23 6.64 43.29
CA PRO B 485 -21.04 7.45 42.99
C PRO B 485 -20.27 7.05 41.71
N HIS B 486 -19.53 8.01 41.16
CA HIS B 486 -18.64 7.81 40.01
C HIS B 486 -19.47 7.27 38.86
N THR B 487 -20.58 7.97 38.63
CA THR B 487 -21.51 7.68 37.55
C THR B 487 -21.91 8.99 36.88
N TYR B 488 -21.69 9.06 35.56
CA TYR B 488 -22.22 10.19 34.78
C TYR B 488 -23.12 9.72 33.62
N GLY B 489 -24.06 10.57 33.26
CA GLY B 489 -24.99 10.28 32.17
C GLY B 489 -25.23 11.46 31.25
N ILE B 490 -25.43 11.17 29.97
CA ILE B 490 -25.89 12.19 28.99
C ILE B 490 -27.15 11.68 28.33
N PHE B 491 -28.23 12.45 28.49
CA PHE B 491 -29.59 12.09 28.06
C PHE B 491 -30.14 13.09 27.04
N GLU B 492 -30.28 12.64 25.80
CA GLU B 492 -30.65 13.54 24.72
C GLU B 492 -32.00 13.19 24.10
N ARG B 493 -32.93 14.14 24.17
CA ARG B 493 -34.22 14.05 23.51
C ARG B 493 -34.01 14.17 22.00
N ILE B 494 -34.45 13.14 21.29
CA ILE B 494 -34.38 13.08 19.82
C ILE B 494 -35.81 12.92 19.29
N SER B 495 -35.99 13.08 17.98
CA SER B 495 -37.33 13.03 17.40
C SER B 495 -38.08 11.75 17.77
N ASN B 496 -37.42 10.60 17.70
CA ASN B 496 -38.08 9.33 17.99
C ASN B 496 -37.88 8.73 19.41
N GLY B 497 -37.34 9.51 20.35
CA GLY B 497 -37.19 9.05 21.73
C GLY B 497 -36.11 9.75 22.54
N LEU B 498 -35.20 8.95 23.09
CA LEU B 498 -34.15 9.46 23.96
C LEU B 498 -32.85 8.72 23.69
N LYS B 499 -31.77 9.46 23.44
CA LYS B 499 -30.42 8.86 23.36
C LYS B 499 -29.74 8.93 24.74
N VAL B 500 -29.06 7.82 25.10
CA VAL B 500 -28.45 7.63 26.42
C VAL B 500 -26.98 7.24 26.29
N ASN B 501 -26.12 8.02 26.96
CA ASN B 501 -24.72 7.66 27.20
C ASN B 501 -24.56 7.56 28.72
N LEU B 502 -24.10 6.41 29.23
CA LEU B 502 -23.88 6.26 30.67
C LEU B 502 -22.47 5.73 30.88
N ASN B 503 -21.75 6.29 31.85
CA ASN B 503 -20.43 5.78 32.21
C ASN B 503 -20.28 5.71 33.73
N ASN B 504 -20.11 4.49 34.24
CA ASN B 504 -19.85 4.28 35.66
C ASN B 504 -18.65 3.33 35.86
N PHE B 505 -17.73 3.32 34.91
CA PHE B 505 -16.58 2.43 34.92
C PHE B 505 -15.68 2.68 36.14
N ARG B 506 -15.50 1.64 36.95
CA ARG B 506 -14.69 1.75 38.15
C ARG B 506 -14.20 0.36 38.52
N THR B 507 -12.89 0.15 38.37
CA THR B 507 -12.28 -1.13 38.73
C THR B 507 -11.98 -1.17 40.24
N ASN B 508 -11.70 -2.36 40.75
CA ASN B 508 -11.48 -2.57 42.18
C ASN B 508 -10.01 -2.36 42.51
N LYS B 509 -9.70 -1.32 43.26
CA LYS B 509 -8.30 -0.99 43.66
C LYS B 509 -7.92 -1.48 45.05
N ASP B 510 -8.81 -2.20 45.71
CA ASP B 510 -8.56 -2.70 47.10
C ASP B 510 -7.24 -3.47 47.28
N SER B 511 -6.82 -4.24 46.28
CA SER B 511 -5.57 -5.02 46.36
C SER B 511 -4.30 -4.17 46.66
N LEU B 512 -4.31 -2.91 46.24
CA LEU B 512 -3.24 -1.95 46.52
C LEU B 512 -3.19 -1.63 48.02
N TRP B 513 -4.34 -1.81 48.67
CA TRP B 513 -4.46 -1.42 50.08
C TRP B 513 -4.59 -2.62 51.04
N SER B 514 -4.37 -3.81 50.50
CA SER B 514 -4.21 -5.02 51.33
C SER B 514 -3.19 -4.84 52.46
N ASN B 515 -3.38 -5.62 53.52
CA ASN B 515 -2.51 -5.58 54.69
C ASN B 515 -2.67 -4.32 55.54
N ALA B 516 -3.67 -3.47 55.22
CA ALA B 516 -3.91 -2.26 55.99
C ALA B 516 -5.39 -2.14 56.35
N GLN B 517 -5.71 -2.37 57.61
CA GLN B 517 -7.12 -2.40 57.97
C GLN B 517 -7.61 -0.99 58.36
N ASP B 518 -6.65 -0.09 58.63
CA ASP B 518 -7.00 1.30 58.95
C ASP B 518 -5.95 2.30 58.42
N ALA B 519 -6.22 3.60 58.58
CA ALA B 519 -5.33 4.62 58.05
C ALA B 519 -3.92 4.58 58.66
N ASN B 520 -3.81 4.29 59.96
CA ASN B 520 -2.51 4.20 60.61
C ASN B 520 -1.63 3.15 59.92
N GLN B 521 -2.22 1.99 59.64
CA GLN B 521 -1.52 0.92 58.91
C GLN B 521 -1.23 1.20 57.42
N ALA B 522 -2.16 1.88 56.74
CA ALA B 522 -1.99 2.21 55.32
C ALA B 522 -0.81 3.18 55.11
N LYS B 523 -0.70 4.15 56.00
CA LYS B 523 0.40 5.11 55.99
C LYS B 523 1.78 4.42 56.05
N LYS B 524 1.81 3.25 56.69
CA LYS B 524 3.05 2.56 57.01
C LYS B 524 3.36 1.44 56.05
N LEU B 525 2.50 1.22 55.05
CA LEU B 525 2.79 0.20 54.04
C LEU B 525 4.15 0.45 53.34
N PRO B 526 4.78 -0.61 52.80
CA PRO B 526 6.00 -0.34 52.03
C PRO B 526 5.65 0.47 50.80
N GLN B 527 6.55 1.38 50.37
CA GLN B 527 6.33 2.23 49.19
C GLN B 527 6.17 1.36 48.00
N LEU B 528 5.12 1.61 47.21
CA LEU B 528 4.96 0.88 45.96
C LEU B 528 6.06 1.31 45.01
N THR B 529 6.42 2.60 45.03
CA THR B 529 7.54 3.09 44.20
C THR B 529 7.11 3.42 42.71
N LYS B 530 7.81 4.37 42.06
CA LYS B 530 7.51 4.73 40.66
C LYS B 530 7.58 3.50 39.75
N LYS B 531 8.73 2.82 39.75
CA LYS B 531 8.89 1.59 38.97
C LYS B 531 7.90 0.48 39.36
N GLY B 532 7.62 0.36 40.65
CA GLY B 532 6.64 -0.61 41.15
C GLY B 532 5.23 -0.37 40.64
N ALA B 533 4.79 0.89 40.60
CA ALA B 533 3.45 1.21 40.11
C ALA B 533 3.32 0.96 38.59
N ILE B 534 4.35 1.31 37.82
CA ILE B 534 4.36 1.00 36.37
C ILE B 534 4.27 -0.54 36.16
N LYS B 535 5.03 -1.30 36.94
CA LYS B 535 4.91 -2.76 36.89
C LYS B 535 3.51 -3.26 37.30
N TRP B 536 2.87 -2.60 38.28
CA TRP B 536 1.53 -3.03 38.72
C TRP B 536 0.52 -2.83 37.58
N ILE B 537 0.63 -1.71 36.87
CA ILE B 537 -0.22 -1.47 35.69
C ILE B 537 -0.01 -2.60 34.66
N GLU B 538 1.24 -2.89 34.35
CA GLU B 538 1.59 -3.97 33.41
C GLU B 538 0.98 -5.34 33.75
N GLU B 539 1.08 -5.71 35.02
CA GLU B 539 0.77 -7.06 35.47
C GLU B 539 -0.64 -7.22 35.95
N HIS B 540 -1.24 -6.13 36.42
CA HIS B 540 -2.52 -6.22 37.12
C HIS B 540 -3.58 -5.22 36.67
N TYR B 541 -3.25 -4.35 35.71
CA TYR B 541 -4.26 -3.43 35.16
C TYR B 541 -4.45 -3.61 33.64
N ILE B 542 -3.34 -3.65 32.91
CA ILE B 542 -3.35 -4.02 31.47
C ILE B 542 -3.87 -5.45 31.28
N LYS B 543 -3.42 -6.35 32.15
CA LYS B 543 -3.93 -7.71 32.11
C LYS B 543 -4.31 -8.11 33.51
N ASP B 544 -5.05 -9.21 33.62
CA ASP B 544 -5.51 -9.76 34.89
C ASP B 544 -6.18 -8.71 35.77
N THR B 545 -6.92 -7.82 35.12
CA THR B 545 -7.51 -6.68 35.82
C THR B 545 -8.64 -7.06 36.78
N GLN B 546 -8.66 -6.37 37.93
CA GLN B 546 -9.63 -6.67 38.98
C GLN B 546 -10.83 -5.77 38.74
N PHE B 547 -11.75 -6.23 37.88
CA PHE B 547 -12.89 -5.42 37.48
C PHE B 547 -13.82 -5.22 38.69
N GLY B 548 -14.55 -4.09 38.73
CA GLY B 548 -15.57 -3.90 39.75
C GLY B 548 -16.76 -4.80 39.42
N GLU B 549 -17.76 -4.81 40.29
CA GLU B 549 -18.98 -5.50 40.00
C GLU B 549 -19.95 -4.61 39.22
N LYS B 550 -20.78 -5.23 38.38
CA LYS B 550 -21.93 -4.50 37.83
C LYS B 550 -22.67 -3.80 39.00
N ARG B 551 -23.16 -2.60 38.74
CA ARG B 551 -23.94 -1.89 39.75
C ARG B 551 -25.12 -1.21 39.07
N VAL B 552 -26.15 -0.91 39.85
CA VAL B 552 -27.43 -0.54 39.27
C VAL B 552 -27.61 0.98 39.10
N THR B 553 -28.15 1.35 37.94
CA THR B 553 -28.62 2.69 37.63
C THR B 553 -30.10 2.57 37.27
N LYS B 554 -30.91 3.47 37.82
CA LYS B 554 -32.37 3.49 37.56
C LYS B 554 -32.74 4.77 36.81
N ILE B 555 -33.58 4.62 35.79
CA ILE B 555 -34.15 5.75 35.05
C ILE B 555 -35.66 5.51 34.94
N VAL B 556 -36.45 6.45 35.42
CA VAL B 556 -37.91 6.37 35.30
C VAL B 556 -38.38 7.49 34.39
N LEU B 557 -39.11 7.12 33.34
CA LEU B 557 -39.70 8.10 32.43
C LEU B 557 -41.22 8.17 32.60
N ARG B 558 -41.74 9.36 32.89
CA ARG B 558 -43.17 9.63 32.97
C ARG B 558 -43.63 10.48 31.78
N GLY B 559 -44.87 10.31 31.36
CA GLY B 559 -45.38 10.95 30.12
C GLY B 559 -45.03 10.13 28.90
N ILE B 560 -45.24 8.83 29.01
CA ILE B 560 -44.82 7.81 28.04
C ILE B 560 -46.04 6.95 27.66
N ASP B 561 -46.31 6.82 26.36
CA ASP B 561 -47.59 6.21 25.90
C ASP B 561 -47.54 4.73 25.54
N LYS B 562 -46.37 4.26 25.14
CA LYS B 562 -46.15 2.83 24.86
C LYS B 562 -44.80 2.35 25.38
N LEU B 563 -44.65 1.03 25.44
CA LEU B 563 -43.38 0.43 25.75
C LEU B 563 -42.31 0.86 24.74
N PRO B 564 -41.25 1.55 25.21
CA PRO B 564 -40.12 1.88 24.34
C PRO B 564 -39.39 0.65 23.84
N THR B 565 -38.73 0.80 22.70
CA THR B 565 -37.85 -0.25 22.21
C THR B 565 -36.39 0.24 22.33
N ILE B 566 -35.46 -0.68 22.51
CA ILE B 566 -34.04 -0.36 22.66
C ILE B 566 -33.31 -0.60 21.34
N HIS B 567 -32.47 0.37 20.95
CA HIS B 567 -31.73 0.32 19.70
C HIS B 567 -30.30 0.76 19.90
N SER B 568 -29.42 0.25 19.03
CA SER B 568 -28.02 0.63 18.95
C SER B 568 -27.28 0.48 20.29
N LEU B 569 -27.49 -0.65 20.98
CA LEU B 569 -26.85 -0.88 22.26
C LEU B 569 -25.40 -1.35 22.09
N SER B 570 -24.49 -0.66 22.77
CA SER B 570 -23.10 -1.06 22.84
C SER B 570 -22.45 -0.49 24.11
N GLY B 571 -21.27 -0.96 24.44
CA GLY B 571 -20.61 -0.50 25.65
C GLY B 571 -19.41 -1.36 25.89
N THR B 572 -18.71 -1.08 26.99
CA THR B 572 -17.54 -1.86 27.41
C THR B 572 -17.83 -3.38 27.33
N ASN B 573 -16.98 -4.14 26.66
CA ASN B 573 -17.17 -5.60 26.52
C ASN B 573 -17.45 -6.31 27.83
N ASN B 574 -18.49 -7.14 27.83
CA ASN B 574 -18.88 -7.98 28.94
C ASN B 574 -19.24 -7.25 30.25
N SER B 575 -19.68 -5.99 30.14
CA SER B 575 -19.84 -5.13 31.30
C SER B 575 -21.28 -4.76 31.67
N TYR B 576 -22.26 -5.26 30.91
CA TYR B 576 -23.64 -4.82 31.04
C TYR B 576 -24.63 -5.92 30.65
N ASP B 577 -25.74 -5.97 31.38
CA ASP B 577 -26.92 -6.72 30.98
C ASP B 577 -27.78 -5.85 30.05
N GLN B 578 -28.72 -6.49 29.36
CA GLN B 578 -29.72 -5.76 28.58
C GLN B 578 -30.50 -4.90 29.59
N PRO B 579 -30.59 -3.58 29.33
CA PRO B 579 -31.43 -2.75 30.22
C PRO B 579 -32.85 -3.31 30.28
N SER B 580 -33.41 -3.40 31.49
CA SER B 580 -34.76 -3.95 31.71
C SER B 580 -35.74 -2.83 31.64
N LEU B 581 -36.89 -3.10 31.02
CA LEU B 581 -37.96 -2.12 30.85
C LEU B 581 -39.24 -2.65 31.53
N ASN B 582 -39.82 -1.85 32.41
CA ASN B 582 -41.08 -2.18 33.05
C ASN B 582 -42.08 -1.07 32.79
N PHE B 583 -42.87 -1.26 31.72
CA PHE B 583 -43.86 -0.30 31.27
C PHE B 583 -45.17 -0.43 32.05
N ASP B 584 -45.57 0.68 32.67
CA ASP B 584 -46.84 0.80 33.37
C ASP B 584 -47.82 1.62 32.53
N GLN B 585 -48.69 0.93 31.80
CA GLN B 585 -49.65 1.57 30.90
C GLN B 585 -50.53 2.63 31.58
N LYS B 586 -51.13 2.27 32.72
CA LYS B 586 -52.12 3.16 33.34
C LYS B 586 -51.50 4.47 33.82
N ASN B 587 -50.21 4.38 34.17
CA ASN B 587 -49.49 5.51 34.73
C ASN B 587 -48.59 6.18 33.71
N HIS B 588 -48.73 5.76 32.45
CA HIS B 588 -47.94 6.29 31.33
C HIS B 588 -46.46 6.46 31.72
N MET B 589 -45.84 5.36 32.15
CA MET B 589 -44.48 5.43 32.69
C MET B 589 -43.72 4.14 32.46
N VAL B 590 -42.39 4.25 32.32
CA VAL B 590 -41.51 3.09 32.16
C VAL B 590 -40.38 3.22 33.18
N THR B 591 -40.06 2.10 33.81
CA THR B 591 -38.92 2.00 34.71
C THR B 591 -37.83 1.19 34.01
N ILE B 592 -36.70 1.85 33.82
CA ILE B 592 -35.53 1.24 33.19
C ILE B 592 -34.47 0.97 34.26
N THR B 593 -34.02 -0.28 34.29
CA THR B 593 -33.01 -0.72 35.23
C THR B 593 -31.79 -1.13 34.43
N ILE B 594 -30.65 -0.52 34.76
CA ILE B 594 -29.38 -0.82 34.13
C ILE B 594 -28.47 -1.45 35.19
N ASN B 595 -27.82 -2.54 34.81
CA ASN B 595 -26.86 -3.23 35.67
C ASN B 595 -25.56 -3.31 34.87
N SER B 596 -24.56 -2.52 35.27
CA SER B 596 -23.38 -2.31 34.42
C SER B 596 -22.16 -1.81 35.20
N ASN B 597 -21.00 -1.90 34.56
CA ASN B 597 -19.77 -1.27 35.08
C ASN B 597 -18.90 -1.00 33.87
N GLY B 598 -18.98 0.21 33.34
CA GLY B 598 -18.27 0.53 32.11
C GLY B 598 -18.90 1.70 31.40
N ASN B 599 -18.58 1.82 30.11
CA ASN B 599 -19.26 2.75 29.25
C ASN B 599 -20.46 2.06 28.61
N LEU B 600 -21.52 2.81 28.34
CA LEU B 600 -22.75 2.26 27.75
C LEU B 600 -23.47 3.29 26.88
N GLU B 601 -24.03 2.87 25.75
CA GLU B 601 -24.91 3.73 25.00
C GLU B 601 -26.04 2.97 24.32
N PHE B 602 -27.17 3.65 24.14
CA PHE B 602 -28.32 3.10 23.42
C PHE B 602 -29.33 4.20 23.19
N GLU B 603 -30.31 3.92 22.34
CA GLU B 603 -31.46 4.77 22.15
C GLU B 603 -32.69 4.04 22.58
N LEU B 604 -33.60 4.77 23.19
CA LEU B 604 -34.96 4.32 23.41
C LEU B 604 -35.84 4.99 22.36
N HIS B 605 -36.66 4.19 21.67
CA HIS B 605 -37.63 4.73 20.73
C HIS B 605 -39.05 4.68 21.30
N PHE B 606 -39.79 5.80 21.23
CA PHE B 606 -41.15 5.88 21.81
C PHE B 606 -41.99 7.05 21.30
C1 GAL C . -3.78 -15.60 -40.78
C2 GAL C . -4.62 -16.79 -40.22
C3 GAL C . -4.26 -18.15 -40.85
C4 GAL C . -3.92 -18.02 -42.35
C5 GAL C . -2.90 -16.89 -42.52
C6 GAL C . -2.33 -16.71 -43.93
O1 GAL C . -4.54 -14.44 -40.66
O2 GAL C . -4.46 -16.83 -38.80
O3 GAL C . -5.42 -18.92 -40.63
O4 GAL C . -5.09 -17.74 -43.10
O5 GAL C . -3.55 -15.69 -42.18
O6 GAL C . -1.29 -15.77 -43.84
C1 FUC C . -5.67 -16.93 -38.04
C2 FUC C . -5.25 -17.20 -36.58
C3 FUC C . -4.61 -15.95 -35.95
C4 FUC C . -5.57 -14.76 -36.10
C5 FUC C . -5.92 -14.56 -37.59
C6 FUC C . -6.88 -13.41 -37.89
O2 FUC C . -4.33 -18.28 -36.49
O3 FUC C . -4.32 -16.21 -34.60
O4 FUC C . -6.73 -15.00 -35.30
O5 FUC C . -6.47 -15.76 -38.11
C1 GLA C . -5.31 -20.32 -40.98
C2 GLA C . -6.69 -20.92 -40.82
C3 GLA C . -7.11 -20.94 -39.35
C4 GLA C . -6.05 -21.67 -38.52
C5 GLA C . -4.68 -21.06 -38.78
C6 GLA C . -3.56 -21.76 -38.00
O2 GLA C . -7.64 -20.21 -41.61
O3 GLA C . -8.37 -21.58 -39.25
O4 GLA C . -5.98 -23.03 -38.94
O5 GLA C . -4.40 -21.10 -40.18
O6 GLA C . -2.28 -21.24 -38.31
C1 GAL D . 3.88 16.92 40.78
C2 GAL D . 4.81 16.02 39.95
C3 GAL D . 4.51 14.52 40.15
C4 GAL D . 4.19 14.19 41.63
C5 GAL D . 3.10 15.13 42.12
C6 GAL D . 2.60 14.86 43.55
O1 GAL D . 4.63 18.09 41.01
O2 GAL D . 4.60 16.35 38.60
O3 GAL D . 5.65 13.84 39.67
O4 GAL D . 5.34 14.28 42.41
O5 GAL D . 3.63 16.42 42.09
O6 GAL D . 1.47 15.68 43.78
C1 FUC D . 5.80 16.56 37.81
C2 FUC D . 5.40 16.71 36.33
C3 FUC D . 4.71 18.05 36.07
C4 FUC D . 5.65 19.18 36.53
C5 FUC D . 5.96 18.95 38.03
C6 FUC D . 6.84 20.05 38.65
O2 FUC D . 4.53 15.70 35.91
O3 FUC D . 4.48 18.13 34.68
O4 FUC D . 6.84 19.17 35.75
O5 FUC D . 6.60 17.68 38.23
C1 GLA D . 5.56 12.41 39.65
C2 GLA D . 6.97 11.91 39.33
C3 GLA D . 7.33 12.36 37.92
C4 GLA D . 6.27 11.90 36.91
C5 GLA D . 4.85 12.29 37.38
C6 GLA D . 3.73 11.80 36.46
O2 GLA D . 7.92 12.42 40.23
O3 GLA D . 8.56 11.76 37.57
O4 GLA D . 6.33 10.49 36.74
O5 GLA D . 4.65 11.85 38.72
O6 GLA D . 2.46 12.31 36.83
#